data_1YFS
#
_entry.id   1YFS
#
_cell.length_a   173.026
_cell.length_b   73.868
_cell.length_c   73.999
_cell.angle_alpha   90.00
_cell.angle_beta   90.00
_cell.angle_gamma   90.00
#
_symmetry.space_group_name_H-M   'P 21 21 21'
#
loop_
_entity.id
_entity.type
_entity.pdbx_description
1 polymer 'Alanyl-tRNA synthetase'
2 non-polymer ALANINE
3 water water
#
_entity_poly.entity_id   1
_entity_poly.type   'polypeptide(L)'
_entity_poly.pdbx_seq_one_letter_code
;MSLSAHEIRELFLSFFEKKGHTRVKSAPLVPENDPTLLFVNAGMVPFKNVFLGLEKRPYKRATSCQKCLRVSGKHNDLEQ
VGYTSRHHTFFEMLGNFSFGDYFKKEAIEYAWEFVTEVLKLPKEKLYVSVYKDDEEAYRIWNEHIGIPSERIWRLGEEDN
FWQMGDVGPCGPSSEIYVDRGEEYEGDERYLEIWNLVFMQYNRDENGVLTPLPHPNIDTGMGLERIASVLQGKNSNFEID
IIFPLIQFGEEVSGKKYGEKFETDVALRVIADHLRAITFAISDGVIPSNEGRGYVIRRILRRAMRFGYKLGIENPFLYKG
VDLVVDIMKEPYPELELSREFVKGIVKGEEKRFIKTLKAGMEYIQEVIQKALEEGRKTLSGKEVFTAYDTYGFPVDLIDE
IAREKGLGIDLEGFQCELEEQRERARKHFKVEAKKVKPVYSHLKELGKTSAFVGAAALEHHHHHH
;
_entity_poly.pdbx_strand_id   A,B
#
# COMPACT_ATOMS: atom_id res chain seq x y z
N SER A 2 12.40 -28.57 1.26
CA SER A 2 11.90 -27.68 0.17
C SER A 2 13.06 -26.98 -0.54
N LEU A 3 14.02 -26.50 0.25
CA LEU A 3 15.20 -25.83 -0.32
C LEU A 3 14.88 -24.51 -1.01
N SER A 4 15.59 -23.47 -0.60
CA SER A 4 15.40 -22.16 -1.19
C SER A 4 16.09 -22.13 -2.54
N ALA A 5 15.75 -21.14 -3.36
CA ALA A 5 16.36 -20.99 -4.66
C ALA A 5 17.87 -20.95 -4.51
N HIS A 6 18.33 -20.13 -3.59
CA HIS A 6 19.76 -19.97 -3.35
C HIS A 6 20.43 -21.27 -2.97
N GLU A 7 19.72 -22.11 -2.20
CA GLU A 7 20.26 -23.39 -1.78
C GLU A 7 20.38 -24.33 -2.97
N ILE A 8 19.35 -24.34 -3.81
CA ILE A 8 19.34 -25.18 -5.00
C ILE A 8 20.51 -24.82 -5.91
N ARG A 9 20.93 -23.55 -5.88
CA ARG A 9 22.03 -23.08 -6.71
C ARG A 9 23.38 -23.60 -6.22
N GLU A 10 23.64 -23.42 -4.94
CA GLU A 10 24.89 -23.86 -4.34
C GLU A 10 25.00 -25.39 -4.33
N LEU A 11 23.86 -26.04 -4.14
CA LEU A 11 23.82 -27.50 -4.14
C LEU A 11 24.23 -28.02 -5.51
N PHE A 12 23.65 -27.43 -6.55
CA PHE A 12 23.95 -27.82 -7.92
C PHE A 12 25.41 -27.60 -8.27
N LEU A 13 25.93 -26.43 -7.89
CA LEU A 13 27.31 -26.08 -8.17
C LEU A 13 28.33 -26.89 -7.36
N SER A 14 28.04 -27.08 -6.07
CA SER A 14 28.93 -27.85 -5.21
C SER A 14 28.90 -29.32 -5.60
N PHE A 15 27.71 -29.82 -5.95
CA PHE A 15 27.54 -31.22 -6.35
C PHE A 15 28.43 -31.61 -7.50
N PHE A 16 28.50 -30.75 -8.52
CA PHE A 16 29.31 -31.05 -9.69
C PHE A 16 30.80 -30.86 -9.45
N GLU A 17 31.13 -29.96 -8.52
CA GLU A 17 32.53 -29.75 -8.20
C GLU A 17 33.03 -31.08 -7.62
N LYS A 18 32.12 -31.77 -6.94
CA LYS A 18 32.40 -33.07 -6.32
C LYS A 18 32.68 -34.11 -7.39
N LYS A 19 32.41 -33.74 -8.64
CA LYS A 19 32.61 -34.62 -9.78
C LYS A 19 33.66 -34.03 -10.72
N GLY A 20 34.70 -33.44 -10.14
CA GLY A 20 35.79 -32.87 -10.91
C GLY A 20 35.46 -31.69 -11.80
N HIS A 21 34.28 -31.10 -11.62
CA HIS A 21 33.86 -29.95 -12.41
C HIS A 21 34.36 -28.65 -11.79
N THR A 22 34.88 -27.76 -12.63
CA THR A 22 35.39 -26.47 -12.17
C THR A 22 34.28 -25.41 -12.18
N ARG A 23 33.90 -24.92 -11.01
CA ARG A 23 32.85 -23.91 -10.90
C ARG A 23 33.23 -22.65 -11.67
N VAL A 24 32.53 -22.41 -12.77
CA VAL A 24 32.80 -21.23 -13.59
C VAL A 24 31.78 -20.11 -13.30
N LYS A 25 32.28 -18.92 -13.02
CA LYS A 25 31.41 -17.79 -12.74
C LYS A 25 30.54 -17.49 -13.95
N SER A 26 29.27 -17.13 -13.69
CA SER A 26 28.37 -16.80 -14.78
C SER A 26 28.95 -15.71 -15.64
N ALA A 27 28.82 -15.85 -16.95
CA ALA A 27 29.35 -14.84 -17.86
C ALA A 27 28.35 -13.70 -17.86
N PRO A 28 28.81 -12.48 -18.13
CA PRO A 28 27.85 -11.36 -18.14
C PRO A 28 26.80 -11.55 -19.24
N LEU A 29 25.62 -10.97 -19.03
CA LEU A 29 24.52 -11.06 -19.99
C LEU A 29 24.92 -10.56 -21.36
N VAL A 30 25.80 -9.56 -21.37
CA VAL A 30 26.29 -8.98 -22.62
C VAL A 30 27.50 -9.78 -23.09
N PRO A 31 27.41 -10.37 -24.30
CA PRO A 31 28.47 -11.16 -24.91
C PRO A 31 29.71 -10.31 -25.21
N GLU A 32 30.82 -10.64 -24.55
CA GLU A 32 32.08 -9.93 -24.73
C GLU A 32 32.35 -9.61 -26.20
N ASN A 33 32.49 -10.64 -27.01
CA ASN A 33 32.77 -10.42 -28.42
C ASN A 33 31.84 -11.18 -29.34
N ASP A 34 30.58 -10.75 -29.39
CA ASP A 34 29.58 -11.36 -30.25
C ASP A 34 28.47 -10.36 -30.50
N PRO A 35 28.72 -9.37 -31.36
CA PRO A 35 27.75 -8.32 -31.70
C PRO A 35 26.47 -8.82 -32.36
N THR A 36 26.41 -10.07 -32.79
CA THR A 36 25.19 -10.57 -33.43
C THR A 36 24.18 -11.04 -32.41
N LEU A 37 24.66 -11.48 -31.26
CA LEU A 37 23.78 -11.96 -30.19
C LEU A 37 23.61 -10.86 -29.17
N LEU A 38 22.40 -10.33 -29.01
CA LEU A 38 22.20 -9.27 -28.05
C LEU A 38 22.57 -9.72 -26.64
N PHE A 39 21.89 -10.75 -26.13
CA PHE A 39 22.17 -11.25 -24.79
C PHE A 39 22.42 -12.76 -24.73
N VAL A 40 23.07 -13.19 -23.65
CA VAL A 40 23.34 -14.63 -23.42
C VAL A 40 21.97 -15.26 -23.18
N ASN A 41 21.69 -16.40 -23.79
CA ASN A 41 20.40 -17.06 -23.66
C ASN A 41 20.44 -18.45 -23.03
N ALA A 42 21.64 -18.97 -22.83
CA ALA A 42 21.82 -20.30 -22.24
C ALA A 42 23.21 -20.44 -21.63
N GLY A 43 23.35 -21.39 -20.73
CA GLY A 43 24.61 -21.63 -20.07
C GLY A 43 25.78 -21.85 -21.01
N MET A 44 25.57 -22.69 -22.02
CA MET A 44 26.63 -23.01 -22.97
C MET A 44 27.17 -21.87 -23.84
N VAL A 45 26.44 -20.76 -23.94
CA VAL A 45 26.88 -19.64 -24.78
C VAL A 45 28.35 -19.27 -24.60
N PRO A 46 28.74 -18.84 -23.40
CA PRO A 46 30.14 -18.47 -23.18
C PRO A 46 31.13 -19.61 -23.47
N PHE A 47 30.66 -20.85 -23.31
CA PHE A 47 31.51 -22.02 -23.57
C PHE A 47 31.41 -22.52 -25.00
N LYS A 48 30.74 -21.76 -25.86
CA LYS A 48 30.57 -22.16 -27.25
C LYS A 48 31.87 -22.55 -27.96
N ASN A 49 32.85 -21.66 -27.96
CA ASN A 49 34.12 -21.93 -28.62
C ASN A 49 34.91 -23.05 -27.96
N VAL A 50 34.62 -23.31 -26.68
CA VAL A 50 35.30 -24.37 -25.95
C VAL A 50 34.68 -25.70 -26.36
N PHE A 51 33.46 -25.63 -26.89
CA PHE A 51 32.75 -26.82 -27.35
C PHE A 51 33.16 -27.10 -28.78
N LEU A 52 33.67 -26.07 -29.46
CA LEU A 52 34.10 -26.20 -30.84
C LEU A 52 35.60 -26.46 -30.96
N GLY A 53 36.31 -26.38 -29.84
CA GLY A 53 37.74 -26.60 -29.86
C GLY A 53 38.53 -25.35 -30.22
N LEU A 54 37.83 -24.24 -30.39
CA LEU A 54 38.46 -22.98 -30.73
C LEU A 54 39.15 -22.38 -29.51
N GLU A 55 38.78 -22.86 -28.32
CA GLU A 55 39.38 -22.39 -27.08
C GLU A 55 39.80 -23.57 -26.22
N LYS A 56 40.48 -23.26 -25.13
CA LYS A 56 40.95 -24.28 -24.20
C LYS A 56 40.71 -23.81 -22.78
N ARG A 57 40.72 -24.75 -21.84
CA ARG A 57 40.51 -24.41 -20.45
C ARG A 57 41.23 -25.39 -19.53
N PRO A 58 41.81 -24.88 -18.43
CA PRO A 58 42.54 -25.73 -17.47
C PRO A 58 41.72 -26.91 -16.98
N TYR A 59 40.45 -26.97 -17.40
CA TYR A 59 39.54 -28.03 -17.00
C TYR A 59 38.79 -28.64 -18.19
N LYS A 60 38.34 -29.88 -18.02
CA LYS A 60 37.59 -30.59 -19.04
C LYS A 60 36.14 -30.70 -18.58
N ARG A 61 35.90 -30.36 -17.32
CA ARG A 61 34.57 -30.41 -16.73
C ARG A 61 34.24 -29.10 -16.01
N ALA A 62 33.19 -28.43 -16.48
CA ALA A 62 32.78 -27.16 -15.90
C ALA A 62 31.31 -27.17 -15.52
N THR A 63 30.94 -26.28 -14.61
CA THR A 63 29.57 -26.18 -14.13
C THR A 63 29.31 -24.69 -13.82
N SER A 64 28.07 -24.27 -13.86
CA SER A 64 27.78 -22.87 -13.55
C SER A 64 26.31 -22.56 -13.55
N CYS A 65 26.00 -21.41 -12.96
CA CYS A 65 24.65 -20.89 -12.89
C CYS A 65 24.83 -19.64 -13.72
N GLN A 66 24.32 -19.68 -14.96
CA GLN A 66 24.43 -18.57 -15.89
C GLN A 66 23.23 -17.64 -15.93
N LYS A 67 23.51 -16.34 -16.00
CA LYS A 67 22.50 -15.30 -16.09
C LYS A 67 21.97 -15.32 -17.52
N CYS A 68 20.68 -15.59 -17.70
CA CYS A 68 20.12 -15.64 -19.04
C CYS A 68 18.98 -14.67 -19.31
N LEU A 69 18.83 -14.34 -20.59
CA LEU A 69 17.78 -13.44 -21.08
C LEU A 69 17.29 -13.96 -22.43
N ARG A 70 16.01 -14.30 -22.52
CA ARG A 70 15.43 -14.78 -23.77
C ARG A 70 14.51 -13.68 -24.30
N VAL A 71 15.11 -12.63 -24.85
CA VAL A 71 14.35 -11.48 -25.35
C VAL A 71 14.78 -11.04 -26.74
N SER A 72 15.43 -11.95 -27.47
CA SER A 72 15.94 -11.61 -28.81
C SER A 72 16.15 -12.85 -29.66
N GLY A 73 16.26 -12.64 -30.97
CA GLY A 73 16.50 -13.74 -31.89
C GLY A 73 15.56 -14.91 -31.82
N LYS A 74 16.10 -16.11 -32.05
CA LYS A 74 15.35 -17.37 -32.02
C LYS A 74 14.94 -17.81 -30.61
N HIS A 75 15.30 -17.03 -29.60
CA HIS A 75 14.94 -17.35 -28.22
C HIS A 75 14.31 -16.14 -27.58
N ASN A 76 13.20 -15.69 -28.14
CA ASN A 76 12.52 -14.52 -27.65
C ASN A 76 11.20 -14.88 -26.97
N ASP A 77 11.20 -14.84 -25.63
CA ASP A 77 10.02 -15.13 -24.83
C ASP A 77 9.31 -13.87 -24.34
N LEU A 78 9.94 -12.71 -24.54
CA LEU A 78 9.38 -11.44 -24.07
C LEU A 78 7.87 -11.29 -24.26
N GLU A 79 7.39 -11.47 -25.49
CA GLU A 79 5.96 -11.35 -25.79
C GLU A 79 5.03 -12.18 -24.91
N GLN A 80 5.54 -13.25 -24.32
CA GLN A 80 4.73 -14.11 -23.46
C GLN A 80 4.83 -13.83 -21.97
N VAL A 81 5.92 -13.20 -21.56
CA VAL A 81 6.13 -12.89 -20.14
C VAL A 81 4.95 -12.13 -19.56
N GLY A 82 4.37 -12.68 -18.49
CA GLY A 82 3.23 -12.06 -17.84
C GLY A 82 1.96 -12.85 -18.06
N TYR A 83 1.83 -13.46 -19.23
CA TYR A 83 0.64 -14.23 -19.56
C TYR A 83 0.70 -15.67 -19.04
N THR A 84 1.90 -16.15 -18.75
CA THR A 84 2.04 -17.50 -18.25
C THR A 84 2.82 -17.51 -16.94
N SER A 85 2.89 -18.69 -16.33
CA SER A 85 3.57 -18.88 -15.07
C SER A 85 4.98 -19.45 -15.24
N ARG A 86 5.42 -19.65 -16.48
CA ARG A 86 6.76 -20.23 -16.74
C ARG A 86 7.73 -19.41 -17.61
N HIS A 87 7.26 -18.32 -18.20
CA HIS A 87 8.09 -17.50 -19.07
C HIS A 87 8.76 -16.32 -18.36
N HIS A 88 10.02 -16.09 -18.70
CA HIS A 88 10.79 -15.01 -18.09
C HIS A 88 11.66 -14.33 -19.13
N THR A 89 12.10 -13.12 -18.83
CA THR A 89 13.02 -12.43 -19.71
C THR A 89 14.33 -12.92 -19.09
N PHE A 90 14.58 -12.52 -17.84
CA PHE A 90 15.79 -12.93 -17.12
C PHE A 90 15.57 -14.18 -16.27
N PHE A 91 16.54 -15.08 -16.29
CA PHE A 91 16.43 -16.27 -15.48
C PHE A 91 17.79 -16.92 -15.32
N GLU A 92 17.88 -17.84 -14.38
CA GLU A 92 19.13 -18.53 -14.14
C GLU A 92 19.07 -19.96 -14.62
N MET A 93 20.10 -20.38 -15.33
CA MET A 93 20.16 -21.74 -15.84
C MET A 93 21.36 -22.46 -15.24
N LEU A 94 21.09 -23.53 -14.49
CA LEU A 94 22.16 -24.32 -13.89
C LEU A 94 22.68 -25.22 -14.99
N GLY A 95 23.99 -25.41 -15.05
CA GLY A 95 24.53 -26.26 -16.09
C GLY A 95 25.85 -26.94 -15.81
N ASN A 96 26.01 -28.13 -16.38
CA ASN A 96 27.23 -28.91 -16.25
C ASN A 96 27.65 -29.22 -17.69
N PHE A 97 28.93 -29.11 -17.97
CA PHE A 97 29.40 -29.32 -19.31
C PHE A 97 30.60 -30.25 -19.37
N SER A 98 30.73 -30.92 -20.51
CA SER A 98 31.83 -31.84 -20.75
C SER A 98 32.43 -31.48 -22.09
N PHE A 99 33.72 -31.17 -22.08
CA PHE A 99 34.44 -30.79 -23.29
C PHE A 99 35.34 -31.95 -23.72
N GLY A 100 34.76 -32.87 -24.48
CA GLY A 100 35.51 -34.02 -24.97
C GLY A 100 35.85 -34.97 -23.84
N ASP A 101 35.06 -34.92 -22.76
CA ASP A 101 35.30 -35.80 -21.62
C ASP A 101 34.19 -36.83 -21.51
N TYR A 102 33.60 -36.96 -20.33
CA TYR A 102 32.53 -37.94 -20.16
C TYR A 102 31.39 -37.66 -21.15
N PHE A 103 30.49 -38.63 -21.31
CA PHE A 103 29.37 -38.48 -22.22
C PHE A 103 28.04 -38.94 -21.63
N LYS A 104 27.18 -39.47 -22.48
CA LYS A 104 25.84 -39.92 -22.09
C LYS A 104 25.71 -40.65 -20.77
N LYS A 105 26.50 -41.70 -20.60
CA LYS A 105 26.46 -42.49 -19.37
C LYS A 105 26.68 -41.62 -18.15
N GLU A 106 27.81 -40.97 -18.07
CA GLU A 106 28.11 -40.12 -16.93
C GLU A 106 27.10 -38.97 -16.78
N ALA A 107 26.77 -38.31 -17.89
CA ALA A 107 25.82 -37.20 -17.86
C ALA A 107 24.50 -37.60 -17.22
N ILE A 108 24.04 -38.81 -17.51
CA ILE A 108 22.80 -39.32 -16.97
C ILE A 108 22.93 -39.71 -15.49
N GLU A 109 24.03 -40.40 -15.15
CA GLU A 109 24.27 -40.83 -13.77
C GLU A 109 24.29 -39.64 -12.82
N TYR A 110 25.08 -38.63 -13.14
CA TYR A 110 25.19 -37.45 -12.30
C TYR A 110 23.82 -36.78 -12.14
N ALA A 111 23.12 -36.61 -13.25
CA ALA A 111 21.80 -35.99 -13.26
C ALA A 111 20.82 -36.74 -12.36
N TRP A 112 20.76 -38.06 -12.55
CA TRP A 112 19.87 -38.89 -11.76
C TRP A 112 20.27 -38.86 -10.29
N GLU A 113 21.57 -38.83 -10.02
CA GLU A 113 22.02 -38.79 -8.64
C GLU A 113 21.54 -37.50 -7.98
N PHE A 114 21.88 -36.37 -8.60
CA PHE A 114 21.49 -35.06 -8.09
C PHE A 114 19.99 -34.96 -7.83
N VAL A 115 19.21 -35.28 -8.85
CA VAL A 115 17.78 -35.21 -8.74
C VAL A 115 17.21 -36.09 -7.63
N THR A 116 17.66 -37.33 -7.57
CA THR A 116 17.13 -38.23 -6.54
C THR A 116 17.74 -38.05 -5.16
N GLU A 117 19.07 -38.00 -5.08
CA GLU A 117 19.76 -37.85 -3.79
C GLU A 117 19.85 -36.44 -3.22
N VAL A 118 20.19 -35.47 -4.06
CA VAL A 118 20.33 -34.09 -3.57
C VAL A 118 19.00 -33.35 -3.43
N LEU A 119 18.21 -33.31 -4.50
CA LEU A 119 16.93 -32.63 -4.43
C LEU A 119 15.89 -33.48 -3.71
N LYS A 120 16.16 -34.78 -3.62
CA LYS A 120 15.28 -35.71 -2.94
C LYS A 120 13.98 -35.99 -3.67
N LEU A 121 13.92 -35.68 -4.96
CA LEU A 121 12.72 -35.94 -5.74
C LEU A 121 12.55 -37.46 -5.88
N PRO A 122 11.36 -37.97 -5.52
CA PRO A 122 11.08 -39.40 -5.60
C PRO A 122 11.27 -39.94 -7.01
N LYS A 123 11.90 -41.10 -7.12
CA LYS A 123 12.18 -41.70 -8.42
C LYS A 123 10.92 -42.13 -9.17
N GLU A 124 9.87 -42.47 -8.42
CA GLU A 124 8.62 -42.93 -9.02
C GLU A 124 7.84 -41.84 -9.76
N LYS A 125 8.07 -40.59 -9.39
CA LYS A 125 7.38 -39.49 -10.05
C LYS A 125 8.27 -38.78 -11.07
N LEU A 126 9.32 -39.46 -11.52
CA LEU A 126 10.21 -38.87 -12.50
C LEU A 126 10.10 -39.59 -13.85
N TYR A 127 10.04 -38.81 -14.94
CA TYR A 127 9.96 -39.36 -16.28
C TYR A 127 11.13 -38.85 -17.10
N VAL A 128 11.49 -39.59 -18.14
CA VAL A 128 12.59 -39.13 -18.98
C VAL A 128 12.28 -39.38 -20.45
N SER A 129 12.77 -38.48 -21.29
CA SER A 129 12.55 -38.60 -22.72
C SER A 129 13.88 -38.74 -23.43
N VAL A 130 13.86 -39.49 -24.53
CA VAL A 130 15.04 -39.70 -25.34
C VAL A 130 14.61 -39.70 -26.80
N TYR A 131 15.54 -39.33 -27.69
CA TYR A 131 15.25 -39.32 -29.11
C TYR A 131 14.96 -40.76 -29.49
N LYS A 132 13.91 -40.99 -30.27
CA LYS A 132 13.50 -42.33 -30.67
C LYS A 132 14.64 -43.21 -31.21
N ASP A 133 15.56 -42.60 -31.95
CA ASP A 133 16.67 -43.36 -32.53
C ASP A 133 17.92 -43.43 -31.67
N ASP A 134 17.81 -43.01 -30.41
CA ASP A 134 18.95 -43.04 -29.50
C ASP A 134 18.87 -44.25 -28.57
N GLU A 135 19.10 -45.44 -29.11
CA GLU A 135 19.07 -46.68 -28.35
C GLU A 135 20.04 -46.59 -27.18
N GLU A 136 21.16 -45.93 -27.42
CA GLU A 136 22.19 -45.74 -26.41
C GLU A 136 21.60 -45.14 -25.14
N ALA A 137 21.02 -43.95 -25.28
CA ALA A 137 20.41 -43.27 -24.14
C ALA A 137 19.32 -44.11 -23.49
N TYR A 138 18.48 -44.72 -24.31
CA TYR A 138 17.40 -45.54 -23.77
C TYR A 138 17.96 -46.61 -22.84
N ARG A 139 18.98 -47.33 -23.30
CA ARG A 139 19.57 -48.39 -22.51
C ARG A 139 20.04 -47.88 -21.15
N ILE A 140 20.84 -46.81 -21.15
CA ILE A 140 21.36 -46.26 -19.91
C ILE A 140 20.26 -45.99 -18.90
N TRP A 141 19.19 -45.33 -19.34
CA TRP A 141 18.06 -45.02 -18.45
C TRP A 141 17.35 -46.29 -17.99
N ASN A 142 16.93 -47.10 -18.96
CA ASN A 142 16.18 -48.32 -18.70
C ASN A 142 16.95 -49.41 -17.94
N GLU A 143 18.17 -49.70 -18.38
CA GLU A 143 18.96 -50.75 -17.72
C GLU A 143 19.93 -50.26 -16.66
N HIS A 144 20.84 -49.38 -17.04
CA HIS A 144 21.82 -48.86 -16.10
C HIS A 144 21.19 -48.10 -14.94
N ILE A 145 20.32 -47.13 -15.24
CA ILE A 145 19.68 -46.36 -14.19
C ILE A 145 18.50 -47.13 -13.58
N GLY A 146 17.88 -47.98 -14.40
CA GLY A 146 16.77 -48.77 -13.91
C GLY A 146 15.38 -48.17 -14.08
N ILE A 147 15.26 -47.15 -14.91
CA ILE A 147 13.96 -46.52 -15.15
C ILE A 147 13.07 -47.49 -15.91
N PRO A 148 11.86 -47.77 -15.39
CA PRO A 148 10.93 -48.68 -16.06
C PRO A 148 10.53 -48.10 -17.41
N SER A 149 10.29 -48.98 -18.38
CA SER A 149 9.90 -48.56 -19.72
C SER A 149 8.70 -47.62 -19.76
N GLU A 150 7.75 -47.81 -18.84
CA GLU A 150 6.55 -46.98 -18.79
C GLU A 150 6.85 -45.54 -18.40
N ARG A 151 8.07 -45.28 -17.94
CA ARG A 151 8.45 -43.94 -17.55
C ARG A 151 9.51 -43.34 -18.45
N ILE A 152 9.63 -43.93 -19.64
CA ILE A 152 10.60 -43.46 -20.63
C ILE A 152 9.84 -43.13 -21.91
N TRP A 153 10.09 -41.96 -22.47
CA TRP A 153 9.42 -41.56 -23.71
C TRP A 153 10.40 -41.42 -24.86
N ARG A 154 10.08 -42.05 -25.98
CA ARG A 154 10.90 -41.97 -27.16
C ARG A 154 10.19 -41.02 -28.12
N LEU A 155 10.74 -39.81 -28.27
CA LEU A 155 10.14 -38.81 -29.13
C LEU A 155 10.99 -38.43 -30.35
N GLY A 156 10.42 -37.55 -31.17
CA GLY A 156 11.10 -37.12 -32.38
C GLY A 156 12.12 -35.99 -32.27
N GLU A 157 12.69 -35.64 -33.42
CA GLU A 157 13.71 -34.61 -33.52
C GLU A 157 13.30 -33.26 -32.95
N GLU A 158 12.00 -32.97 -32.99
CA GLU A 158 11.50 -31.70 -32.47
C GLU A 158 11.43 -31.71 -30.95
N ASP A 159 11.48 -32.90 -30.38
CA ASP A 159 11.40 -33.05 -28.93
C ASP A 159 12.74 -33.39 -28.30
N ASN A 160 13.48 -34.29 -28.93
CA ASN A 160 14.74 -34.72 -28.35
C ASN A 160 16.01 -34.65 -29.20
N PHE A 161 16.17 -33.55 -29.93
CA PHE A 161 17.36 -33.34 -30.73
C PHE A 161 17.72 -31.86 -30.62
N TRP A 162 18.96 -31.58 -30.31
CA TRP A 162 19.43 -30.21 -30.15
C TRP A 162 20.50 -29.89 -31.20
N GLN A 163 20.54 -28.64 -31.63
CA GLN A 163 21.55 -28.23 -32.60
C GLN A 163 22.12 -26.89 -32.18
N MET A 164 23.42 -26.70 -32.39
CA MET A 164 24.07 -25.46 -32.01
C MET A 164 23.66 -24.36 -33.01
N GLY A 165 23.32 -24.79 -34.21
CA GLY A 165 22.90 -23.87 -35.26
C GLY A 165 22.41 -24.66 -36.47
N ASP A 166 22.10 -23.94 -37.56
CA ASP A 166 21.63 -24.61 -38.78
C ASP A 166 22.67 -25.62 -39.19
N VAL A 167 23.93 -25.32 -38.85
CA VAL A 167 25.06 -26.20 -39.13
C VAL A 167 25.90 -26.26 -37.87
N GLY A 168 26.81 -27.22 -37.80
CA GLY A 168 27.66 -27.32 -36.62
C GLY A 168 27.26 -28.45 -35.68
N PRO A 169 27.92 -28.55 -34.51
CA PRO A 169 27.62 -29.60 -33.54
C PRO A 169 26.16 -29.67 -33.11
N CYS A 170 25.66 -30.90 -33.02
CA CYS A 170 24.29 -31.17 -32.64
C CYS A 170 24.24 -32.55 -32.02
N GLY A 171 23.04 -33.06 -31.78
CA GLY A 171 22.93 -34.38 -31.19
C GLY A 171 21.61 -34.57 -30.47
N PRO A 172 21.33 -35.80 -30.02
CA PRO A 172 20.08 -36.09 -29.32
C PRO A 172 20.13 -35.53 -27.89
N SER A 173 18.97 -35.34 -27.30
CA SER A 173 18.90 -34.81 -25.93
C SER A 173 17.97 -35.68 -25.13
N SER A 174 18.03 -35.54 -23.81
CA SER A 174 17.17 -36.29 -22.91
C SER A 174 16.70 -35.28 -21.86
N GLU A 175 15.39 -35.20 -21.66
CA GLU A 175 14.83 -34.28 -20.69
C GLU A 175 14.30 -35.05 -19.48
N ILE A 176 14.37 -34.40 -18.32
CA ILE A 176 13.89 -34.99 -17.07
C ILE A 176 12.62 -34.23 -16.69
N TYR A 177 11.54 -34.98 -16.53
CA TYR A 177 10.22 -34.44 -16.17
C TYR A 177 9.81 -34.89 -14.79
N VAL A 178 9.11 -34.03 -14.07
CA VAL A 178 8.62 -34.38 -12.75
C VAL A 178 7.11 -34.46 -12.82
N ASP A 179 6.56 -35.61 -12.47
CA ASP A 179 5.12 -35.78 -12.49
C ASP A 179 4.57 -35.09 -11.26
N ARG A 180 4.07 -33.87 -11.43
CA ARG A 180 3.53 -33.10 -10.31
C ARG A 180 2.17 -33.57 -9.79
N GLY A 181 1.61 -34.61 -10.39
CA GLY A 181 0.32 -35.09 -9.90
C GLY A 181 -0.86 -35.01 -10.85
N GLU A 182 -1.87 -35.84 -10.59
CA GLU A 182 -3.08 -35.93 -11.42
C GLU A 182 -3.91 -34.65 -11.44
N GLU A 183 -3.51 -33.65 -10.66
CA GLU A 183 -4.25 -32.40 -10.60
C GLU A 183 -3.93 -31.46 -11.77
N TYR A 184 -2.76 -31.63 -12.37
CA TYR A 184 -2.35 -30.79 -13.50
C TYR A 184 -2.42 -31.56 -14.81
N GLU A 185 -2.36 -30.82 -15.92
CA GLU A 185 -2.43 -31.39 -17.25
C GLU A 185 -1.24 -31.06 -18.16
N GLY A 186 -1.06 -31.88 -19.19
CA GLY A 186 0.00 -31.67 -20.16
C GLY A 186 1.39 -31.40 -19.62
N ASP A 187 2.05 -30.38 -20.14
CA ASP A 187 3.39 -30.09 -19.68
C ASP A 187 3.41 -29.42 -18.31
N GLU A 188 2.24 -29.18 -17.74
CA GLU A 188 2.21 -28.57 -16.41
C GLU A 188 2.25 -29.70 -15.37
N ARG A 189 1.80 -30.88 -15.77
CA ARG A 189 1.84 -32.04 -14.89
C ARG A 189 3.23 -32.65 -14.95
N TYR A 190 3.75 -32.84 -16.17
CA TYR A 190 5.07 -33.40 -16.34
C TYR A 190 5.98 -32.25 -16.69
N LEU A 191 6.29 -31.45 -15.67
CA LEU A 191 7.13 -30.28 -15.80
C LEU A 191 8.58 -30.67 -16.07
N GLU A 192 9.10 -30.29 -17.23
CA GLU A 192 10.48 -30.58 -17.55
C GLU A 192 11.32 -29.72 -16.62
N ILE A 193 12.40 -30.29 -16.06
CA ILE A 193 13.24 -29.54 -15.15
C ILE A 193 14.72 -29.58 -15.53
N TRP A 194 15.06 -30.49 -16.44
CA TRP A 194 16.45 -30.63 -16.85
C TRP A 194 16.55 -31.15 -18.27
N ASN A 195 17.33 -30.46 -19.09
CA ASN A 195 17.54 -30.86 -20.48
C ASN A 195 18.99 -31.28 -20.61
N LEU A 196 19.20 -32.53 -20.98
CA LEU A 196 20.54 -33.07 -21.15
C LEU A 196 20.82 -33.17 -22.65
N VAL A 197 21.73 -32.34 -23.15
CA VAL A 197 22.05 -32.37 -24.56
C VAL A 197 23.29 -33.21 -24.80
N PHE A 198 23.19 -34.18 -25.71
CA PHE A 198 24.32 -35.03 -26.01
C PHE A 198 24.96 -34.63 -27.33
N MET A 199 25.81 -33.61 -27.29
CA MET A 199 26.49 -33.13 -28.49
C MET A 199 27.31 -34.29 -29.06
N GLN A 200 26.70 -35.00 -30.00
CA GLN A 200 27.29 -36.19 -30.59
C GLN A 200 27.63 -36.07 -32.07
N TYR A 201 27.03 -35.13 -32.77
CA TYR A 201 27.28 -35.01 -34.19
C TYR A 201 27.63 -33.61 -34.64
N ASN A 202 27.93 -33.49 -35.92
CA ASN A 202 28.23 -32.22 -36.57
C ASN A 202 27.48 -32.22 -37.89
N ARG A 203 26.56 -31.27 -38.05
CA ARG A 203 25.78 -31.16 -39.27
C ARG A 203 26.51 -30.25 -40.26
N ASP A 204 26.80 -30.77 -41.44
CA ASP A 204 27.51 -29.98 -42.45
C ASP A 204 26.54 -29.10 -43.24
N GLU A 205 27.07 -28.37 -44.21
CA GLU A 205 26.27 -27.46 -45.03
C GLU A 205 25.20 -28.15 -45.89
N ASN A 206 25.25 -29.48 -45.97
CA ASN A 206 24.26 -30.21 -46.77
C ASN A 206 23.28 -31.00 -45.89
N GLY A 207 23.35 -30.77 -44.59
CA GLY A 207 22.46 -31.45 -43.66
C GLY A 207 22.90 -32.83 -43.23
N VAL A 208 24.05 -33.28 -43.76
CA VAL A 208 24.56 -34.60 -43.41
C VAL A 208 25.21 -34.63 -42.03
N LEU A 209 24.86 -35.62 -41.22
CA LEU A 209 25.42 -35.74 -39.88
C LEU A 209 26.59 -36.71 -39.84
N THR A 210 27.62 -36.32 -39.10
CA THR A 210 28.82 -37.14 -38.94
C THR A 210 29.28 -37.03 -37.49
N PRO A 211 29.64 -38.17 -36.88
CA PRO A 211 30.08 -38.15 -35.49
C PRO A 211 31.23 -37.17 -35.23
N LEU A 212 31.32 -36.74 -33.98
CA LEU A 212 32.36 -35.82 -33.54
C LEU A 212 33.47 -36.68 -32.95
N PRO A 213 34.73 -36.32 -33.21
CA PRO A 213 35.84 -37.11 -32.67
C PRO A 213 35.83 -37.08 -31.14
N HIS A 214 35.22 -36.04 -30.58
CA HIS A 214 35.13 -35.89 -29.14
C HIS A 214 33.78 -35.30 -28.74
N PRO A 215 32.75 -36.14 -28.59
CA PRO A 215 31.42 -35.67 -28.22
C PRO A 215 31.43 -34.90 -26.90
N ASN A 216 30.58 -33.88 -26.82
CA ASN A 216 30.49 -33.05 -25.63
C ASN A 216 29.14 -33.18 -24.94
N ILE A 217 29.05 -32.64 -23.73
CA ILE A 217 27.82 -32.64 -22.94
C ILE A 217 27.44 -31.18 -22.63
N ASP A 218 26.14 -30.88 -22.69
CA ASP A 218 25.61 -29.54 -22.43
C ASP A 218 24.30 -29.78 -21.69
N THR A 219 24.18 -29.30 -20.45
CA THR A 219 22.93 -29.47 -19.75
C THR A 219 22.45 -28.13 -19.25
N GLY A 220 21.15 -28.03 -19.06
CA GLY A 220 20.57 -26.80 -18.58
C GLY A 220 19.35 -27.08 -17.74
N MET A 221 19.39 -26.62 -16.49
CA MET A 221 18.29 -26.77 -15.57
C MET A 221 17.93 -25.37 -15.13
N GLY A 222 16.69 -24.97 -15.40
CA GLY A 222 16.23 -23.65 -15.01
C GLY A 222 16.03 -23.63 -13.51
N LEU A 223 16.69 -22.69 -12.86
CA LEU A 223 16.60 -22.54 -11.42
C LEU A 223 15.18 -22.25 -10.91
N GLU A 224 14.58 -21.19 -11.43
CA GLU A 224 13.24 -20.84 -10.95
C GLU A 224 12.31 -22.03 -11.09
N ARG A 225 12.34 -22.67 -12.25
CA ARG A 225 11.48 -23.82 -12.49
C ARG A 225 11.62 -24.95 -11.46
N ILE A 226 12.84 -25.41 -11.21
CA ILE A 226 13.01 -26.50 -10.24
C ILE A 226 12.64 -26.02 -8.85
N ALA A 227 12.93 -24.76 -8.55
CA ALA A 227 12.60 -24.19 -7.26
C ALA A 227 11.09 -24.23 -7.04
N SER A 228 10.30 -23.93 -8.07
CA SER A 228 8.86 -23.93 -7.92
C SER A 228 8.40 -25.34 -7.54
N VAL A 229 9.09 -26.34 -8.09
CA VAL A 229 8.76 -27.73 -7.81
C VAL A 229 9.04 -28.08 -6.36
N LEU A 230 10.29 -27.89 -5.93
CA LEU A 230 10.66 -28.23 -4.57
C LEU A 230 9.90 -27.38 -3.55
N GLN A 231 9.66 -26.11 -3.90
CA GLN A 231 8.96 -25.21 -3.00
C GLN A 231 7.45 -25.39 -3.01
N GLY A 232 6.99 -26.36 -3.79
CA GLY A 232 5.57 -26.66 -3.86
C GLY A 232 4.70 -25.57 -4.46
N LYS A 233 5.26 -24.75 -5.34
CA LYS A 233 4.49 -23.68 -5.97
C LYS A 233 4.02 -24.10 -7.37
N ASN A 234 2.98 -23.44 -7.86
CA ASN A 234 2.45 -23.75 -9.19
C ASN A 234 2.73 -22.61 -10.17
N SER A 235 3.81 -21.88 -9.91
CA SER A 235 4.21 -20.77 -10.75
C SER A 235 5.60 -20.36 -10.31
N ASN A 236 6.48 -20.07 -11.27
CA ASN A 236 7.85 -19.66 -10.95
C ASN A 236 7.85 -18.33 -10.20
N PHE A 237 6.80 -17.55 -10.40
CA PHE A 237 6.70 -16.23 -9.80
C PHE A 237 6.34 -16.26 -8.32
N GLU A 238 5.98 -17.43 -7.82
CA GLU A 238 5.63 -17.59 -6.43
C GLU A 238 6.78 -18.12 -5.58
N ILE A 239 7.94 -18.35 -6.21
CA ILE A 239 9.09 -18.88 -5.48
C ILE A 239 9.71 -17.84 -4.54
N ASP A 240 10.50 -18.33 -3.59
CA ASP A 240 11.13 -17.48 -2.58
C ASP A 240 11.86 -16.25 -3.09
N ILE A 241 12.53 -16.37 -4.23
CA ILE A 241 13.27 -15.23 -4.75
C ILE A 241 12.52 -14.38 -5.77
N ILE A 242 11.24 -14.66 -5.97
CA ILE A 242 10.46 -13.89 -6.93
C ILE A 242 9.15 -13.34 -6.35
N PHE A 243 8.46 -14.11 -5.51
CA PHE A 243 7.21 -13.65 -4.93
C PHE A 243 7.32 -12.29 -4.23
N PRO A 244 8.47 -12.01 -3.61
CA PRO A 244 8.59 -10.71 -2.94
C PRO A 244 8.42 -9.56 -3.93
N LEU A 245 8.71 -9.81 -5.20
CA LEU A 245 8.58 -8.78 -6.22
C LEU A 245 7.10 -8.59 -6.59
N ILE A 246 6.33 -9.66 -6.51
CA ILE A 246 4.91 -9.59 -6.80
C ILE A 246 4.29 -8.73 -5.69
N GLN A 247 4.61 -9.08 -4.45
CA GLN A 247 4.12 -8.35 -3.29
C GLN A 247 4.42 -6.85 -3.42
N PHE A 248 5.60 -6.55 -3.96
CA PHE A 248 6.03 -5.17 -4.19
C PHE A 248 5.02 -4.50 -5.13
N GLY A 249 4.68 -5.21 -6.19
CA GLY A 249 3.73 -4.70 -7.15
C GLY A 249 2.40 -4.47 -6.47
N GLU A 250 2.03 -5.39 -5.59
CA GLU A 250 0.79 -5.27 -4.85
C GLU A 250 0.74 -4.01 -4.00
N GLU A 251 1.84 -3.74 -3.30
CA GLU A 251 1.94 -2.59 -2.40
C GLU A 251 1.91 -1.25 -3.11
N VAL A 252 2.54 -1.17 -4.27
CA VAL A 252 2.59 0.08 -5.03
C VAL A 252 1.26 0.42 -5.67
N SER A 253 0.63 -0.59 -6.27
CA SER A 253 -0.65 -0.42 -6.95
C SER A 253 -1.85 -0.57 -6.02
N GLY A 254 -1.66 -1.25 -4.90
CA GLY A 254 -2.75 -1.46 -3.96
C GLY A 254 -3.67 -2.58 -4.42
N LYS A 255 -3.24 -3.30 -5.46
CA LYS A 255 -4.02 -4.40 -5.99
C LYS A 255 -3.56 -5.70 -5.35
N LYS A 256 -4.37 -6.74 -5.45
CA LYS A 256 -4.02 -8.04 -4.87
C LYS A 256 -3.78 -9.08 -5.95
N TYR A 257 -2.71 -9.85 -5.77
CA TYR A 257 -2.33 -10.92 -6.68
C TYR A 257 -3.28 -12.09 -6.47
N GLY A 258 -3.65 -12.77 -7.55
CA GLY A 258 -4.53 -13.91 -7.44
C GLY A 258 -6.01 -13.60 -7.36
N GLU A 259 -6.42 -12.49 -7.95
CA GLU A 259 -7.83 -12.11 -7.94
C GLU A 259 -8.40 -11.88 -9.34
N LYS A 260 -7.56 -11.36 -10.23
CA LYS A 260 -8.00 -11.07 -11.60
C LYS A 260 -6.82 -11.35 -12.55
N PHE A 261 -7.05 -12.21 -13.54
CA PHE A 261 -5.99 -12.56 -14.49
C PHE A 261 -5.25 -11.35 -15.01
N GLU A 262 -5.99 -10.33 -15.46
CA GLU A 262 -5.38 -9.12 -16.00
C GLU A 262 -4.50 -8.43 -14.96
N THR A 263 -4.94 -8.42 -13.71
CA THR A 263 -4.18 -7.81 -12.64
C THR A 263 -2.89 -8.61 -12.41
N ASP A 264 -2.99 -9.93 -12.52
CA ASP A 264 -1.82 -10.81 -12.32
C ASP A 264 -0.80 -10.65 -13.43
N VAL A 265 -1.30 -10.40 -14.63
CA VAL A 265 -0.45 -10.21 -15.80
C VAL A 265 0.48 -9.05 -15.50
N ALA A 266 -0.11 -7.92 -15.11
CA ALA A 266 0.67 -6.74 -14.80
C ALA A 266 1.67 -7.00 -13.69
N LEU A 267 1.24 -7.62 -12.60
CA LEU A 267 2.13 -7.89 -11.48
C LEU A 267 3.30 -8.79 -11.92
N ARG A 268 3.02 -9.85 -12.68
CA ARG A 268 4.09 -10.73 -13.14
C ARG A 268 5.08 -9.95 -14.02
N VAL A 269 4.54 -9.22 -15.01
CA VAL A 269 5.39 -8.43 -15.89
C VAL A 269 6.30 -7.53 -15.08
N ILE A 270 5.73 -6.80 -14.11
CA ILE A 270 6.54 -5.91 -13.29
C ILE A 270 7.66 -6.70 -12.56
N ALA A 271 7.32 -7.84 -11.96
CA ALA A 271 8.30 -8.65 -11.24
C ALA A 271 9.40 -9.18 -12.16
N ASP A 272 9.01 -9.73 -13.30
CA ASP A 272 9.99 -10.24 -14.23
C ASP A 272 10.89 -9.10 -14.75
N HIS A 273 10.25 -8.06 -15.26
CA HIS A 273 10.99 -6.95 -15.82
C HIS A 273 11.92 -6.26 -14.86
N LEU A 274 11.56 -6.23 -13.58
CA LEU A 274 12.43 -5.64 -12.57
C LEU A 274 13.75 -6.41 -12.53
N ARG A 275 13.67 -7.72 -12.65
CA ARG A 275 14.89 -8.54 -12.62
C ARG A 275 15.74 -8.32 -13.86
N ALA A 276 15.10 -8.27 -15.01
CA ALA A 276 15.82 -8.06 -16.25
C ALA A 276 16.59 -6.73 -16.26
N ILE A 277 15.91 -5.63 -15.96
CA ILE A 277 16.55 -4.32 -15.97
C ILE A 277 17.64 -4.20 -14.91
N THR A 278 17.43 -4.80 -13.74
CA THR A 278 18.45 -4.72 -12.69
C THR A 278 19.72 -5.43 -13.13
N PHE A 279 19.59 -6.66 -13.63
CA PHE A 279 20.76 -7.42 -14.08
C PHE A 279 21.39 -6.90 -15.36
N ALA A 280 20.57 -6.55 -16.34
CA ALA A 280 21.06 -6.04 -17.61
C ALA A 280 21.86 -4.76 -17.39
N ILE A 281 21.24 -3.80 -16.71
CA ILE A 281 21.86 -2.51 -16.40
C ILE A 281 23.12 -2.65 -15.56
N SER A 282 23.13 -3.59 -14.63
CA SER A 282 24.31 -3.77 -13.79
C SER A 282 25.44 -4.24 -14.67
N ASP A 283 25.10 -5.09 -15.65
CA ASP A 283 26.11 -5.61 -16.56
C ASP A 283 26.50 -4.65 -17.69
N GLY A 284 26.19 -3.36 -17.51
CA GLY A 284 26.60 -2.37 -18.50
C GLY A 284 25.69 -1.95 -19.65
N VAL A 285 24.43 -2.34 -19.60
CA VAL A 285 23.49 -1.96 -20.65
C VAL A 285 22.85 -0.62 -20.32
N ILE A 286 22.95 0.34 -21.24
CA ILE A 286 22.37 1.66 -21.07
C ILE A 286 21.16 1.81 -21.99
N PRO A 287 19.99 2.19 -21.43
CA PRO A 287 18.78 2.36 -22.24
C PRO A 287 19.05 3.27 -23.43
N SER A 288 18.66 2.82 -24.61
CA SER A 288 18.88 3.60 -25.82
C SER A 288 17.80 3.24 -26.85
N ASN A 289 17.90 3.82 -28.04
CA ASN A 289 16.92 3.58 -29.09
C ASN A 289 17.31 2.56 -30.15
N GLU A 290 18.23 1.66 -29.78
CA GLU A 290 18.68 0.63 -30.70
C GLU A 290 19.48 -0.45 -29.98
N GLY A 291 19.48 -1.65 -30.54
CA GLY A 291 20.23 -2.76 -29.99
C GLY A 291 19.88 -3.16 -28.57
N ARG A 292 20.90 -3.56 -27.81
CA ARG A 292 20.75 -3.98 -26.43
C ARG A 292 20.05 -2.92 -25.57
N GLY A 293 20.43 -1.66 -25.77
CA GLY A 293 19.82 -0.58 -25.02
C GLY A 293 18.33 -0.43 -25.30
N TYR A 294 17.90 -0.72 -26.53
CA TYR A 294 16.48 -0.60 -26.86
C TYR A 294 15.68 -1.80 -26.33
N VAL A 295 16.38 -2.89 -26.04
CA VAL A 295 15.76 -4.09 -25.49
C VAL A 295 15.39 -3.73 -24.04
N ILE A 296 16.34 -3.17 -23.29
CA ILE A 296 16.06 -2.79 -21.90
C ILE A 296 15.07 -1.63 -21.88
N ARG A 297 15.16 -0.74 -22.86
CA ARG A 297 14.23 0.37 -22.92
C ARG A 297 12.80 -0.14 -23.07
N ARG A 298 12.57 -1.08 -23.99
CA ARG A 298 11.22 -1.63 -24.16
C ARG A 298 10.71 -2.34 -22.91
N ILE A 299 11.55 -3.21 -22.35
CA ILE A 299 11.23 -3.98 -21.14
C ILE A 299 10.87 -3.02 -20.01
N LEU A 300 11.73 -2.04 -19.81
CA LEU A 300 11.54 -1.04 -18.78
C LEU A 300 10.27 -0.24 -19.09
N ARG A 301 10.07 0.08 -20.37
CA ARG A 301 8.86 0.83 -20.76
C ARG A 301 7.62 -0.05 -20.60
N ARG A 302 7.76 -1.35 -20.87
CA ARG A 302 6.61 -2.23 -20.75
C ARG A 302 6.11 -2.36 -19.30
N ALA A 303 7.04 -2.34 -18.34
CA ALA A 303 6.68 -2.44 -16.92
C ALA A 303 5.99 -1.14 -16.51
N MET A 304 6.45 -0.04 -17.07
CA MET A 304 5.89 1.26 -16.79
C MET A 304 4.41 1.24 -17.21
N ARG A 305 4.16 0.86 -18.45
CA ARG A 305 2.81 0.78 -18.99
C ARG A 305 1.92 -0.10 -18.13
N PHE A 306 2.36 -1.33 -17.87
CA PHE A 306 1.56 -2.23 -17.05
C PHE A 306 1.39 -1.67 -15.63
N GLY A 307 2.43 -1.03 -15.10
CA GLY A 307 2.32 -0.44 -13.78
C GLY A 307 1.26 0.66 -13.79
N TYR A 308 1.28 1.44 -14.86
CA TYR A 308 0.33 2.54 -15.04
C TYR A 308 -1.07 1.96 -15.17
N LYS A 309 -1.15 0.81 -15.83
CA LYS A 309 -2.42 0.13 -16.03
C LYS A 309 -3.04 -0.27 -14.68
N LEU A 310 -2.19 -0.48 -13.67
CA LEU A 310 -2.67 -0.84 -12.33
C LEU A 310 -3.04 0.40 -11.51
N GLY A 311 -2.79 1.58 -12.08
CA GLY A 311 -3.13 2.80 -11.37
C GLY A 311 -1.95 3.50 -10.74
N ILE A 312 -0.73 3.05 -11.04
CA ILE A 312 0.43 3.71 -10.47
C ILE A 312 0.68 4.95 -11.34
N GLU A 313 0.62 6.13 -10.73
CA GLU A 313 0.81 7.40 -11.44
C GLU A 313 2.23 7.95 -11.32
N ASN A 314 3.05 7.37 -10.47
CA ASN A 314 4.42 7.88 -10.31
C ASN A 314 5.46 6.82 -10.62
N PRO A 315 6.71 7.26 -10.82
CA PRO A 315 7.77 6.29 -11.10
C PRO A 315 7.82 5.36 -9.89
N PHE A 316 8.09 4.09 -10.12
CA PHE A 316 8.12 3.11 -9.04
C PHE A 316 9.16 2.01 -9.25
N LEU A 317 9.42 1.68 -10.51
CA LEU A 317 10.38 0.64 -10.82
C LEU A 317 11.73 0.84 -10.11
N TYR A 318 12.17 2.08 -9.98
CA TYR A 318 13.45 2.33 -9.32
C TYR A 318 13.49 1.83 -7.87
N LYS A 319 12.33 1.72 -7.23
CA LYS A 319 12.28 1.20 -5.86
C LYS A 319 12.46 -0.31 -5.89
N GLY A 320 11.96 -0.94 -6.96
CA GLY A 320 12.06 -2.38 -7.10
C GLY A 320 13.49 -2.86 -7.26
N VAL A 321 14.33 -2.01 -7.84
CA VAL A 321 15.73 -2.34 -8.01
C VAL A 321 16.33 -2.72 -6.65
N ASP A 322 16.03 -1.94 -5.63
CA ASP A 322 16.56 -2.20 -4.28
C ASP A 322 16.15 -3.56 -3.76
N LEU A 323 14.96 -4.01 -4.15
CA LEU A 323 14.46 -5.30 -3.71
C LEU A 323 15.18 -6.42 -4.46
N VAL A 324 15.39 -6.24 -5.76
CA VAL A 324 16.09 -7.24 -6.54
C VAL A 324 17.51 -7.43 -6.02
N VAL A 325 18.18 -6.32 -5.74
CA VAL A 325 19.55 -6.38 -5.23
C VAL A 325 19.59 -7.07 -3.87
N ASP A 326 18.69 -6.69 -2.97
CA ASP A 326 18.68 -7.29 -1.64
C ASP A 326 18.41 -8.79 -1.64
N ILE A 327 17.56 -9.24 -2.57
CA ILE A 327 17.20 -10.64 -2.69
C ILE A 327 18.33 -11.45 -3.33
N MET A 328 18.97 -10.86 -4.34
CA MET A 328 20.03 -11.55 -5.07
C MET A 328 21.46 -11.19 -4.70
N LYS A 329 21.68 -10.32 -3.72
CA LYS A 329 23.06 -9.94 -3.38
C LYS A 329 23.94 -11.14 -2.98
N GLU A 330 23.36 -12.12 -2.30
CA GLU A 330 24.13 -13.30 -1.89
C GLU A 330 24.82 -13.94 -3.10
N PRO A 331 24.03 -14.45 -4.08
CA PRO A 331 24.67 -15.07 -5.25
C PRO A 331 25.43 -14.09 -6.14
N TYR A 332 24.96 -12.84 -6.21
CA TYR A 332 25.58 -11.81 -7.03
C TYR A 332 25.90 -10.56 -6.22
N PRO A 333 26.92 -10.63 -5.36
CA PRO A 333 27.33 -9.50 -4.52
C PRO A 333 27.66 -8.25 -5.32
N GLU A 334 28.11 -8.44 -6.56
CA GLU A 334 28.46 -7.31 -7.41
C GLU A 334 27.29 -6.33 -7.57
N LEU A 335 26.08 -6.82 -7.37
CA LEU A 335 24.88 -5.99 -7.50
C LEU A 335 24.81 -4.83 -6.52
N GLU A 336 25.40 -5.00 -5.34
CA GLU A 336 25.38 -3.94 -4.34
C GLU A 336 26.23 -2.75 -4.75
N LEU A 337 27.32 -3.02 -5.47
CA LEU A 337 28.22 -1.95 -5.91
C LEU A 337 27.61 -1.15 -7.07
N SER A 338 26.62 -1.72 -7.74
CA SER A 338 25.96 -1.03 -8.86
C SER A 338 24.54 -0.62 -8.51
N ARG A 339 24.10 -0.99 -7.31
CA ARG A 339 22.76 -0.66 -6.83
C ARG A 339 22.31 0.75 -7.20
N GLU A 340 22.94 1.74 -6.57
CA GLU A 340 22.60 3.14 -6.82
C GLU A 340 22.74 3.51 -8.29
N PHE A 341 23.74 2.97 -8.96
CA PHE A 341 23.96 3.26 -10.38
C PHE A 341 22.73 2.85 -11.20
N VAL A 342 22.27 1.64 -10.95
CA VAL A 342 21.12 1.06 -11.63
C VAL A 342 19.84 1.78 -11.25
N LYS A 343 19.68 2.05 -9.97
CA LYS A 343 18.50 2.72 -9.47
C LYS A 343 18.41 4.10 -10.13
N GLY A 344 19.54 4.78 -10.23
CA GLY A 344 19.55 6.09 -10.87
C GLY A 344 19.23 5.99 -12.35
N ILE A 345 19.67 4.93 -13.02
CA ILE A 345 19.38 4.75 -14.46
C ILE A 345 17.88 4.60 -14.63
N VAL A 346 17.29 3.63 -13.93
CA VAL A 346 15.87 3.37 -14.02
C VAL A 346 15.03 4.59 -13.67
N LYS A 347 15.29 5.20 -12.51
CA LYS A 347 14.53 6.39 -12.09
C LYS A 347 14.64 7.50 -13.13
N GLY A 348 15.79 7.59 -13.77
CA GLY A 348 15.97 8.61 -14.79
C GLY A 348 15.10 8.30 -16.00
N GLU A 349 15.07 7.02 -16.39
CA GLU A 349 14.28 6.60 -17.53
C GLU A 349 12.79 6.84 -17.30
N GLU A 350 12.29 6.38 -16.16
CA GLU A 350 10.88 6.55 -15.84
C GLU A 350 10.45 8.02 -15.86
N LYS A 351 11.24 8.88 -15.23
CA LYS A 351 10.91 10.31 -15.18
C LYS A 351 11.00 10.94 -16.56
N ARG A 352 11.78 10.31 -17.45
CA ARG A 352 11.93 10.83 -18.79
C ARG A 352 10.71 10.55 -19.68
N PHE A 353 10.16 9.34 -19.57
CA PHE A 353 9.02 8.93 -20.39
C PHE A 353 7.63 8.84 -19.77
N ILE A 354 7.55 8.84 -18.44
CA ILE A 354 6.25 8.68 -17.76
C ILE A 354 5.11 9.57 -18.26
N LYS A 355 5.33 10.87 -18.44
CA LYS A 355 4.25 11.74 -18.91
C LYS A 355 3.92 11.40 -20.36
N THR A 356 4.94 11.15 -21.15
CA THR A 356 4.71 10.81 -22.56
C THR A 356 3.90 9.52 -22.62
N LEU A 357 4.19 8.59 -21.71
CA LEU A 357 3.46 7.33 -21.64
C LEU A 357 1.97 7.57 -21.39
N LYS A 358 1.67 8.39 -20.39
CA LYS A 358 0.28 8.69 -20.07
C LYS A 358 -0.43 9.38 -21.25
N ALA A 359 0.21 10.40 -21.82
CA ALA A 359 -0.36 11.13 -22.95
C ALA A 359 -0.58 10.20 -24.15
N GLY A 360 0.38 9.30 -24.35
CA GLY A 360 0.29 8.36 -25.45
C GLY A 360 -0.75 7.30 -25.22
N MET A 361 -0.92 6.87 -23.96
CA MET A 361 -1.93 5.87 -23.66
C MET A 361 -3.33 6.46 -23.90
N GLU A 362 -3.49 7.77 -23.65
CA GLU A 362 -4.79 8.43 -23.87
C GLU A 362 -5.09 8.44 -25.37
N TYR A 363 -4.08 8.81 -26.16
CA TYR A 363 -4.20 8.88 -27.63
C TYR A 363 -4.52 7.51 -28.21
N ILE A 364 -3.76 6.52 -27.78
CA ILE A 364 -3.93 5.14 -28.24
C ILE A 364 -5.33 4.60 -27.94
N GLN A 365 -5.78 4.75 -26.70
CA GLN A 365 -7.11 4.26 -26.35
C GLN A 365 -8.18 5.02 -27.13
N GLU A 366 -7.89 6.28 -27.44
CA GLU A 366 -8.79 7.13 -28.21
C GLU A 366 -9.02 6.58 -29.61
N VAL A 367 -7.94 6.42 -30.37
CA VAL A 367 -8.08 5.90 -31.73
C VAL A 367 -8.67 4.51 -31.72
N ILE A 368 -8.31 3.71 -30.72
CA ILE A 368 -8.82 2.36 -30.61
C ILE A 368 -10.35 2.39 -30.44
N GLN A 369 -10.82 3.20 -29.49
CA GLN A 369 -12.25 3.31 -29.25
C GLN A 369 -12.94 3.80 -30.51
N LYS A 370 -12.39 4.85 -31.11
CA LYS A 370 -12.90 5.40 -32.35
C LYS A 370 -12.99 4.31 -33.41
N ALA A 371 -11.91 3.54 -33.55
CA ALA A 371 -11.84 2.49 -34.54
C ALA A 371 -12.96 1.46 -34.43
N LEU A 372 -13.21 0.97 -33.22
CA LEU A 372 -14.25 -0.04 -33.03
C LEU A 372 -15.65 0.56 -32.98
N GLU A 373 -15.74 1.88 -33.14
CA GLU A 373 -17.04 2.52 -33.13
C GLU A 373 -17.46 2.72 -34.58
N GLU A 374 -16.47 2.80 -35.46
CA GLU A 374 -16.73 2.98 -36.88
C GLU A 374 -16.58 1.67 -37.64
N GLY A 375 -16.47 0.58 -36.90
CA GLY A 375 -16.36 -0.73 -37.51
C GLY A 375 -14.99 -1.20 -37.95
N ARG A 376 -13.96 -0.38 -37.74
CA ARG A 376 -12.60 -0.77 -38.13
C ARG A 376 -12.05 -1.87 -37.21
N LYS A 377 -11.23 -2.75 -37.77
CA LYS A 377 -10.65 -3.87 -37.04
C LYS A 377 -9.15 -3.73 -36.82
N THR A 378 -8.57 -2.60 -37.22
CA THR A 378 -7.13 -2.41 -37.05
C THR A 378 -6.76 -0.94 -36.84
N LEU A 379 -5.53 -0.70 -36.43
CA LEU A 379 -5.05 0.66 -36.24
C LEU A 379 -4.30 0.97 -37.53
N SER A 380 -4.58 2.12 -38.12
CA SER A 380 -3.95 2.49 -39.37
C SER A 380 -2.45 2.70 -39.22
N GLY A 381 -1.78 2.82 -40.35
CA GLY A 381 -0.35 3.04 -40.35
C GLY A 381 -0.04 4.41 -39.79
N LYS A 382 -0.89 5.39 -40.07
CA LYS A 382 -0.67 6.74 -39.57
C LYS A 382 -0.82 6.77 -38.06
N GLU A 383 -1.74 5.98 -37.54
CA GLU A 383 -1.95 5.93 -36.10
C GLU A 383 -0.80 5.15 -35.42
N VAL A 384 -0.41 4.02 -35.98
CA VAL A 384 0.69 3.25 -35.40
C VAL A 384 1.97 4.13 -35.41
N PHE A 385 2.12 4.91 -36.48
CA PHE A 385 3.28 5.80 -36.61
C PHE A 385 3.24 6.93 -35.60
N THR A 386 2.06 7.49 -35.35
CA THR A 386 1.94 8.59 -34.38
C THR A 386 2.39 8.14 -33.00
N ALA A 387 1.82 7.02 -32.52
CA ALA A 387 2.16 6.48 -31.21
C ALA A 387 3.64 6.17 -31.09
N TYR A 388 4.20 5.68 -32.19
CA TYR A 388 5.60 5.29 -32.27
C TYR A 388 6.56 6.48 -32.41
N ASP A 389 6.25 7.40 -33.32
CA ASP A 389 7.08 8.56 -33.55
C ASP A 389 6.79 9.68 -32.55
N THR A 390 5.54 10.13 -32.50
CA THR A 390 5.17 11.20 -31.61
C THR A 390 5.25 10.90 -30.12
N TYR A 391 4.77 9.72 -29.72
CA TYR A 391 4.78 9.35 -28.31
C TYR A 391 5.90 8.40 -27.94
N GLY A 392 6.76 8.07 -28.91
CA GLY A 392 7.88 7.18 -28.64
C GLY A 392 7.51 5.78 -28.18
N PHE A 393 6.30 5.33 -28.46
CA PHE A 393 5.88 4.00 -28.06
C PHE A 393 6.48 2.91 -28.93
N PRO A 394 7.14 1.91 -28.32
CA PRO A 394 7.72 0.81 -29.10
C PRO A 394 6.61 0.10 -29.85
N VAL A 395 6.89 -0.26 -31.11
CA VAL A 395 5.90 -0.94 -31.93
C VAL A 395 5.24 -2.15 -31.26
N ASP A 396 6.01 -2.97 -30.56
CA ASP A 396 5.46 -4.15 -29.89
C ASP A 396 4.48 -3.80 -28.78
N LEU A 397 4.72 -2.66 -28.13
CA LEU A 397 3.85 -2.20 -27.05
C LEU A 397 2.54 -1.67 -27.61
N ILE A 398 2.63 -1.03 -28.78
CA ILE A 398 1.47 -0.50 -29.46
C ILE A 398 0.59 -1.68 -29.83
N ASP A 399 1.21 -2.70 -30.40
CA ASP A 399 0.49 -3.91 -30.81
C ASP A 399 -0.14 -4.64 -29.62
N GLU A 400 0.57 -4.76 -28.50
CA GLU A 400 0.04 -5.43 -27.33
C GLU A 400 -1.17 -4.66 -26.80
N ILE A 401 -1.07 -3.34 -26.72
CA ILE A 401 -2.21 -2.54 -26.23
C ILE A 401 -3.46 -2.72 -27.10
N ALA A 402 -3.28 -2.55 -28.40
CA ALA A 402 -4.37 -2.69 -29.36
C ALA A 402 -4.95 -4.09 -29.33
N ARG A 403 -4.12 -5.07 -29.00
CA ARG A 403 -4.56 -6.46 -28.94
C ARG A 403 -5.58 -6.68 -27.82
N GLU A 404 -5.37 -5.99 -26.68
CA GLU A 404 -6.27 -6.12 -25.53
C GLU A 404 -7.72 -5.77 -25.89
N LYS A 405 -7.89 -5.01 -26.96
CA LYS A 405 -9.21 -4.58 -27.42
C LYS A 405 -9.62 -5.39 -28.65
N GLY A 406 -8.75 -6.31 -29.08
CA GLY A 406 -9.08 -7.12 -30.24
C GLY A 406 -8.75 -6.44 -31.56
N LEU A 407 -7.92 -5.40 -31.51
CA LEU A 407 -7.52 -4.68 -32.71
C LEU A 407 -6.09 -5.04 -33.08
N GLY A 408 -5.83 -5.10 -34.38
CA GLY A 408 -4.48 -5.39 -34.84
C GLY A 408 -3.86 -4.10 -35.35
N ILE A 409 -2.79 -4.21 -36.12
CA ILE A 409 -2.11 -3.05 -36.66
C ILE A 409 -1.81 -3.23 -38.15
N ASP A 410 -2.10 -2.20 -38.95
CA ASP A 410 -1.86 -2.26 -40.39
C ASP A 410 -0.35 -2.28 -40.67
N LEU A 411 0.28 -3.46 -40.53
CA LEU A 411 1.71 -3.58 -40.76
C LEU A 411 2.14 -3.02 -42.12
N GLU A 412 1.33 -3.25 -43.14
CA GLU A 412 1.66 -2.75 -44.46
C GLU A 412 1.57 -1.22 -44.48
N GLY A 413 0.51 -0.68 -43.91
CA GLY A 413 0.34 0.76 -43.88
C GLY A 413 1.45 1.43 -43.09
N PHE A 414 1.84 0.81 -41.99
CA PHE A 414 2.91 1.31 -41.13
C PHE A 414 4.21 1.27 -41.93
N GLN A 415 4.38 0.18 -42.69
CA GLN A 415 5.55 0.01 -43.53
C GLN A 415 5.70 1.18 -44.49
N CYS A 416 4.63 1.47 -45.22
CA CYS A 416 4.67 2.58 -46.17
C CYS A 416 4.81 3.90 -45.44
N GLU A 417 4.13 4.02 -44.31
CA GLU A 417 4.18 5.23 -43.51
C GLU A 417 5.62 5.48 -43.07
N LEU A 418 6.37 4.40 -42.90
CA LEU A 418 7.76 4.49 -42.50
C LEU A 418 8.64 4.98 -43.65
N GLU A 419 8.31 4.56 -44.86
CA GLU A 419 9.07 4.97 -46.04
C GLU A 419 8.84 6.44 -46.35
N GLU A 420 7.60 6.91 -46.18
CA GLU A 420 7.27 8.30 -46.45
C GLU A 420 8.06 9.23 -45.55
N GLN A 421 8.29 8.79 -44.31
CA GLN A 421 9.04 9.58 -43.34
C GLN A 421 10.51 9.60 -43.75
N ARG A 422 11.03 8.41 -44.07
CA ARG A 422 12.41 8.26 -44.49
C ARG A 422 12.63 9.12 -45.73
N GLU A 423 11.56 9.29 -46.50
CA GLU A 423 11.60 10.11 -47.71
C GLU A 423 11.59 11.57 -47.30
N ARG A 424 10.92 11.87 -46.19
CA ARG A 424 10.87 13.25 -45.67
C ARG A 424 12.25 13.65 -45.19
N ALA A 425 13.18 12.71 -45.26
CA ALA A 425 14.56 12.94 -44.85
C ALA A 425 15.46 12.82 -46.08
N ARG A 426 14.84 12.58 -47.23
CA ARG A 426 15.55 12.44 -48.50
C ARG A 426 14.92 13.28 -49.62
N LYS A 427 13.89 14.04 -49.28
CA LYS A 427 13.21 14.90 -50.26
C LYS A 427 12.84 16.28 -49.71
N HIS A 428 12.08 16.30 -48.62
CA HIS A 428 11.65 17.56 -48.03
C HIS A 428 12.38 17.86 -46.72
N PRO A 438 25.09 4.25 -35.59
CA PRO A 438 23.64 4.42 -35.71
C PRO A 438 22.93 3.15 -36.16
N VAL A 439 21.92 3.30 -37.01
CA VAL A 439 21.17 2.16 -37.51
C VAL A 439 20.85 2.31 -39.00
N TYR A 440 21.12 1.25 -39.76
CA TYR A 440 20.85 1.24 -41.19
C TYR A 440 19.86 0.13 -41.50
N SER A 441 19.06 0.33 -42.56
CA SER A 441 18.06 -0.65 -42.97
C SER A 441 17.63 -0.46 -44.42
N HIS A 442 17.51 -1.57 -45.15
CA HIS A 442 17.08 -1.50 -46.54
C HIS A 442 15.66 -1.00 -46.54
N LEU A 443 15.20 -0.43 -47.64
CA LEU A 443 13.83 0.05 -47.70
C LEU A 443 13.02 -1.25 -47.70
N LYS A 444 11.72 -1.16 -47.42
CA LYS A 444 10.89 -2.36 -47.40
C LYS A 444 11.26 -3.24 -46.20
N GLU A 445 12.15 -2.72 -45.36
CA GLU A 445 12.61 -3.41 -44.15
C GLU A 445 12.28 -2.54 -42.95
N LEU A 446 12.04 -1.26 -43.21
CA LEU A 446 11.73 -0.30 -42.17
C LEU A 446 10.66 -0.82 -41.22
N GLY A 447 9.74 -1.63 -41.74
CA GLY A 447 8.68 -2.19 -40.90
C GLY A 447 9.19 -3.18 -39.88
N LYS A 448 10.12 -4.02 -40.30
CA LYS A 448 10.68 -5.03 -39.41
C LYS A 448 11.73 -4.43 -38.45
N THR A 449 12.54 -3.52 -38.96
CA THR A 449 13.57 -2.87 -38.17
C THR A 449 12.98 -2.03 -37.02
N SER A 450 11.89 -1.33 -37.31
CA SER A 450 11.23 -0.47 -36.33
C SER A 450 10.76 -1.20 -35.07
N ALA A 451 10.63 -2.53 -35.17
CA ALA A 451 10.18 -3.33 -34.05
C ALA A 451 11.36 -3.59 -33.10
N PHE A 452 12.55 -3.19 -33.51
CA PHE A 452 13.74 -3.39 -32.70
C PHE A 452 14.54 -2.11 -32.47
N VAL A 453 13.97 -0.96 -32.86
CA VAL A 453 14.63 0.33 -32.68
C VAL A 453 13.62 1.46 -32.44
N GLY A 454 14.08 2.50 -31.77
CA GLY A 454 13.21 3.65 -31.51
C GLY A 454 13.09 4.50 -32.77
N ALA A 455 11.96 5.18 -32.90
CA ALA A 455 11.73 6.04 -34.06
C ALA A 455 12.95 6.88 -34.40
N ALA A 456 13.50 7.57 -33.39
CA ALA A 456 14.68 8.40 -33.59
C ALA A 456 15.83 7.66 -34.31
N ALA A 457 16.01 6.38 -34.01
CA ALA A 457 17.07 5.59 -34.63
C ALA A 457 16.92 5.52 -36.15
N LEU A 458 15.68 5.60 -36.61
CA LEU A 458 15.39 5.55 -38.04
C LEU A 458 15.18 6.95 -38.61
N SER B 2 -15.85 18.18 46.93
CA SER B 2 -16.33 17.56 45.66
C SER B 2 -16.30 18.57 44.52
N LEU B 3 -17.02 19.67 44.67
CA LEU B 3 -17.05 20.71 43.64
C LEU B 3 -17.79 20.28 42.39
N SER B 4 -18.73 21.12 41.96
CA SER B 4 -19.52 20.85 40.78
C SER B 4 -18.70 21.18 39.54
N ALA B 5 -19.25 20.86 38.37
CA ALA B 5 -18.58 21.14 37.13
C ALA B 5 -18.42 22.64 36.98
N HIS B 6 -19.52 23.37 37.13
CA HIS B 6 -19.51 24.82 37.01
C HIS B 6 -18.58 25.51 38.01
N GLU B 7 -18.48 24.95 39.21
CA GLU B 7 -17.61 25.54 40.22
C GLU B 7 -16.16 25.43 39.77
N ILE B 8 -15.75 24.22 39.38
CA ILE B 8 -14.40 23.96 38.91
C ILE B 8 -14.02 24.94 37.80
N ARG B 9 -14.90 25.09 36.82
CA ARG B 9 -14.63 26.01 35.71
C ARG B 9 -14.23 27.37 36.27
N GLU B 10 -15.08 27.93 37.13
CA GLU B 10 -14.82 29.23 37.73
C GLU B 10 -13.57 29.27 38.59
N LEU B 11 -13.32 28.19 39.34
CA LEU B 11 -12.13 28.13 40.19
C LEU B 11 -10.88 28.14 39.32
N PHE B 12 -10.94 27.43 38.20
CA PHE B 12 -9.81 27.36 37.29
C PHE B 12 -9.51 28.72 36.69
N LEU B 13 -10.54 29.42 36.20
CA LEU B 13 -10.34 30.72 35.59
C LEU B 13 -10.02 31.79 36.62
N SER B 14 -10.67 31.76 37.78
CA SER B 14 -10.42 32.76 38.80
C SER B 14 -8.99 32.64 39.33
N PHE B 15 -8.53 31.41 39.48
CA PHE B 15 -7.18 31.12 39.95
C PHE B 15 -6.12 31.74 39.06
N PHE B 16 -6.30 31.59 37.74
CA PHE B 16 -5.33 32.14 36.83
C PHE B 16 -5.46 33.65 36.67
N GLU B 17 -6.64 34.19 36.97
CA GLU B 17 -6.79 35.63 36.89
C GLU B 17 -5.95 36.24 38.01
N LYS B 18 -5.85 35.52 39.13
CA LYS B 18 -5.06 35.98 40.26
C LYS B 18 -3.58 35.85 39.92
N LYS B 19 -3.28 34.95 38.98
CA LYS B 19 -1.90 34.72 38.55
C LYS B 19 -1.56 35.64 37.39
N GLY B 20 -2.30 36.73 37.25
CA GLY B 20 -2.02 37.69 36.19
C GLY B 20 -2.39 37.27 34.78
N HIS B 21 -3.49 36.53 34.64
CA HIS B 21 -3.95 36.09 33.32
C HIS B 21 -5.23 36.80 32.95
N THR B 22 -5.46 36.98 31.64
CA THR B 22 -6.66 37.63 31.16
C THR B 22 -7.68 36.57 30.80
N ARG B 23 -8.88 36.67 31.35
CA ARG B 23 -9.93 35.71 31.07
C ARG B 23 -10.47 35.99 29.67
N VAL B 24 -10.23 35.08 28.74
CA VAL B 24 -10.71 35.25 27.38
C VAL B 24 -11.94 34.36 27.16
N LYS B 25 -12.99 34.95 26.59
CA LYS B 25 -14.22 34.22 26.32
C LYS B 25 -14.01 33.16 25.26
N SER B 26 -14.51 31.95 25.52
CA SER B 26 -14.37 30.85 24.57
C SER B 26 -14.69 31.32 23.16
N ALA B 27 -13.96 30.80 22.18
CA ALA B 27 -14.20 31.15 20.79
C ALA B 27 -15.35 30.26 20.35
N PRO B 28 -16.07 30.64 19.28
CA PRO B 28 -17.18 29.82 18.81
C PRO B 28 -16.62 28.49 18.30
N LEU B 29 -17.44 27.43 18.38
CA LEU B 29 -17.02 26.10 17.94
C LEU B 29 -16.42 26.11 16.54
N VAL B 30 -16.99 26.92 15.67
CA VAL B 30 -16.52 27.02 14.29
C VAL B 30 -15.41 28.07 14.23
N PRO B 31 -14.31 27.75 13.54
CA PRO B 31 -13.18 28.68 13.42
C PRO B 31 -13.50 29.93 12.61
N GLU B 32 -12.99 31.07 13.04
CA GLU B 32 -13.20 32.34 12.37
C GLU B 32 -12.65 32.32 10.94
N ASN B 33 -11.34 32.21 10.81
CA ASN B 33 -10.72 32.18 9.50
C ASN B 33 -9.82 30.99 9.28
N ASP B 34 -10.42 29.80 9.23
CA ASP B 34 -9.67 28.58 8.97
C ASP B 34 -10.61 27.58 8.31
N PRO B 35 -10.72 27.64 6.97
CA PRO B 35 -11.59 26.75 6.20
C PRO B 35 -11.20 25.29 6.25
N THR B 36 -9.97 25.00 6.64
CA THR B 36 -9.51 23.62 6.69
C THR B 36 -9.84 22.95 8.02
N LEU B 37 -10.08 23.76 9.06
CA LEU B 37 -10.42 23.22 10.38
C LEU B 37 -11.94 23.28 10.54
N LEU B 38 -12.58 22.12 10.62
CA LEU B 38 -14.02 22.10 10.76
C LEU B 38 -14.49 22.72 12.07
N PHE B 39 -13.88 22.30 13.18
CA PHE B 39 -14.25 22.79 14.51
C PHE B 39 -13.02 22.99 15.40
N VAL B 40 -13.15 23.87 16.38
CA VAL B 40 -12.07 24.13 17.33
C VAL B 40 -12.01 22.86 18.20
N ASN B 41 -10.85 22.21 18.21
CA ASN B 41 -10.64 20.98 18.96
C ASN B 41 -9.92 21.20 20.30
N ALA B 42 -9.25 22.34 20.43
CA ALA B 42 -8.51 22.66 21.66
C ALA B 42 -8.60 24.14 22.01
N GLY B 43 -8.28 24.47 23.25
CA GLY B 43 -8.32 25.85 23.69
C GLY B 43 -7.32 26.78 23.02
N MET B 44 -6.22 26.22 22.52
CA MET B 44 -5.18 27.04 21.89
C MET B 44 -5.46 27.46 20.45
N VAL B 45 -6.44 26.81 19.80
CA VAL B 45 -6.78 27.11 18.41
C VAL B 45 -6.97 28.59 18.10
N PRO B 46 -7.79 29.29 18.89
CA PRO B 46 -8.03 30.71 18.64
C PRO B 46 -6.78 31.57 18.86
N PHE B 47 -5.83 31.05 19.64
CA PHE B 47 -4.58 31.76 19.95
C PHE B 47 -3.43 31.29 19.06
N LYS B 48 -3.71 30.36 18.15
CA LYS B 48 -2.68 29.83 17.27
C LYS B 48 -1.79 30.90 16.66
N ASN B 49 -2.40 31.92 16.06
CA ASN B 49 -1.66 33.01 15.44
C ASN B 49 -0.86 33.80 16.47
N VAL B 50 -1.44 34.03 17.64
CA VAL B 50 -0.77 34.76 18.70
C VAL B 50 0.50 34.00 19.08
N PHE B 51 0.43 32.68 19.07
CA PHE B 51 1.58 31.84 19.40
C PHE B 51 2.64 31.94 18.30
N LEU B 52 2.19 32.05 17.06
CA LEU B 52 3.09 32.15 15.91
C LEU B 52 3.67 33.55 15.75
N GLY B 53 2.95 34.56 16.25
CA GLY B 53 3.43 35.92 16.14
C GLY B 53 2.61 36.75 15.16
N LEU B 54 2.01 36.07 14.18
CA LEU B 54 1.18 36.72 13.18
C LEU B 54 0.15 37.67 13.81
N GLU B 55 -0.23 37.40 15.05
CA GLU B 55 -1.20 38.25 15.75
C GLU B 55 -0.60 38.78 17.04
N LYS B 56 -1.20 39.86 17.56
CA LYS B 56 -0.72 40.45 18.79
C LYS B 56 -1.89 40.58 19.76
N ARG B 57 -1.60 40.48 21.06
CA ARG B 57 -2.63 40.59 22.09
C ARG B 57 -2.21 41.58 23.16
N PRO B 58 -3.17 42.32 23.73
CA PRO B 58 -2.87 43.31 24.78
C PRO B 58 -2.40 42.64 26.06
N TYR B 59 -2.32 41.31 26.04
CA TYR B 59 -1.89 40.56 27.21
C TYR B 59 -0.99 39.39 26.83
N LYS B 60 -0.01 39.11 27.68
CA LYS B 60 0.92 38.00 27.44
C LYS B 60 0.49 36.77 28.23
N ARG B 61 -0.53 36.93 29.06
CA ARG B 61 -1.03 35.80 29.84
C ARG B 61 -2.53 35.70 29.63
N ALA B 62 -3.00 34.50 29.29
CA ALA B 62 -4.43 34.30 29.06
C ALA B 62 -4.91 32.98 29.61
N THR B 63 -6.19 32.91 29.92
CA THR B 63 -6.78 31.69 30.44
C THR B 63 -8.22 31.66 29.95
N SER B 64 -8.75 30.47 29.70
CA SER B 64 -10.12 30.36 29.26
C SER B 64 -10.69 28.96 29.30
N CYS B 65 -12.00 28.87 29.09
CA CYS B 65 -12.73 27.63 29.05
C CYS B 65 -13.22 27.58 27.61
N GLN B 66 -12.58 26.75 26.81
CA GLN B 66 -12.92 26.65 25.40
C GLN B 66 -13.83 25.50 25.04
N LYS B 67 -14.87 25.81 24.28
CA LYS B 67 -15.79 24.81 23.80
C LYS B 67 -14.97 24.05 22.77
N CYS B 68 -14.94 22.72 22.89
CA CYS B 68 -14.18 21.90 21.98
C CYS B 68 -14.96 20.78 21.33
N LEU B 69 -14.58 20.47 20.10
CA LEU B 69 -15.20 19.40 19.34
C LEU B 69 -14.12 18.56 18.68
N ARG B 70 -14.08 17.28 19.02
CA ARG B 70 -13.12 16.33 18.46
C ARG B 70 -13.88 15.36 17.56
N VAL B 71 -14.24 15.83 16.36
CA VAL B 71 -14.99 15.02 15.41
C VAL B 71 -14.52 15.24 13.97
N SER B 72 -13.23 15.52 13.79
CA SER B 72 -12.64 15.73 12.47
C SER B 72 -11.12 15.73 12.48
N GLY B 73 -10.55 15.45 11.32
CA GLY B 73 -9.12 15.43 11.16
C GLY B 73 -8.37 14.48 12.07
N LYS B 74 -7.19 14.91 12.50
CA LYS B 74 -6.33 14.12 13.36
C LYS B 74 -6.83 14.13 14.80
N HIS B 75 -7.99 14.75 15.03
CA HIS B 75 -8.56 14.83 16.37
C HIS B 75 -10.03 14.40 16.33
N ASN B 76 -10.24 13.18 15.82
CA ASN B 76 -11.57 12.63 15.66
C ASN B 76 -11.83 11.50 16.65
N ASP B 77 -12.74 11.73 17.60
CA ASP B 77 -13.07 10.73 18.60
C ASP B 77 -14.45 10.13 18.40
N LEU B 78 -15.18 10.67 17.44
CA LEU B 78 -16.53 10.19 17.15
C LEU B 78 -16.67 8.67 17.20
N GLU B 79 -15.94 7.97 16.35
CA GLU B 79 -16.01 6.51 16.28
C GLU B 79 -16.07 5.83 17.65
N GLN B 80 -15.56 6.48 18.68
CA GLN B 80 -15.54 5.89 20.03
C GLN B 80 -16.60 6.41 21.00
N VAL B 81 -17.24 7.53 20.66
CA VAL B 81 -18.24 8.12 21.54
C VAL B 81 -19.41 7.18 21.85
N GLY B 82 -19.55 6.85 23.13
CA GLY B 82 -20.60 5.97 23.60
C GLY B 82 -20.03 4.66 24.11
N TYR B 83 -19.02 4.14 23.41
CA TYR B 83 -18.39 2.88 23.76
C TYR B 83 -17.54 2.95 25.01
N THR B 84 -17.07 4.14 25.36
CA THR B 84 -16.24 4.33 26.53
C THR B 84 -16.84 5.36 27.47
N SER B 85 -16.22 5.50 28.64
CA SER B 85 -16.66 6.46 29.65
C SER B 85 -15.76 7.71 29.65
N ARG B 86 -14.94 7.87 28.61
CA ARG B 86 -14.02 9.01 28.55
C ARG B 86 -14.04 9.75 27.23
N HIS B 87 -14.66 9.16 26.23
CA HIS B 87 -14.71 9.77 24.90
C HIS B 87 -15.95 10.61 24.64
N HIS B 88 -15.73 11.83 24.15
CA HIS B 88 -16.83 12.73 23.83
C HIS B 88 -16.61 13.37 22.48
N THR B 89 -17.65 14.03 21.98
CA THR B 89 -17.55 14.76 20.74
C THR B 89 -17.32 16.18 21.24
N PHE B 90 -18.28 16.69 22.01
CA PHE B 90 -18.17 18.03 22.55
C PHE B 90 -17.65 17.96 23.98
N PHE B 91 -16.84 18.95 24.35
CA PHE B 91 -16.30 18.99 25.70
C PHE B 91 -15.64 20.33 25.96
N GLU B 92 -15.32 20.58 27.22
CA GLU B 92 -14.71 21.85 27.59
C GLU B 92 -13.27 21.71 28.04
N MET B 93 -12.40 22.50 27.43
CA MET B 93 -10.99 22.43 27.80
C MET B 93 -10.51 23.68 28.52
N LEU B 94 -10.16 23.50 29.79
CA LEU B 94 -9.66 24.57 30.63
C LEU B 94 -8.19 24.81 30.30
N GLY B 95 -7.81 26.07 30.11
CA GLY B 95 -6.43 26.36 29.78
C GLY B 95 -5.85 27.68 30.28
N ASN B 96 -4.52 27.71 30.36
CA ASN B 96 -3.78 28.90 30.77
C ASN B 96 -2.60 28.96 29.79
N PHE B 97 -2.42 30.14 29.18
CA PHE B 97 -1.40 30.30 28.17
C PHE B 97 -0.42 31.46 28.39
N SER B 98 0.78 31.30 27.85
CA SER B 98 1.81 32.32 27.95
C SER B 98 2.34 32.64 26.56
N PHE B 99 2.26 33.91 26.19
CA PHE B 99 2.72 34.36 24.87
C PHE B 99 4.05 35.07 25.02
N GLY B 100 5.13 34.29 25.14
CA GLY B 100 6.47 34.84 25.27
C GLY B 100 6.66 35.55 26.60
N ASP B 101 6.18 34.92 27.68
CA ASP B 101 6.26 35.47 29.01
C ASP B 101 6.85 34.42 29.96
N TYR B 102 6.06 33.95 30.93
CA TYR B 102 6.57 32.93 31.85
C TYR B 102 6.73 31.61 31.11
N PHE B 103 7.45 30.66 31.69
CA PHE B 103 7.65 29.40 31.00
C PHE B 103 7.45 28.15 31.88
N LYS B 104 8.30 27.15 31.70
CA LYS B 104 8.18 25.90 32.44
C LYS B 104 7.93 26.03 33.94
N LYS B 105 8.86 26.68 34.64
CA LYS B 105 8.75 26.86 36.09
C LYS B 105 7.40 27.42 36.53
N GLU B 106 7.02 28.59 36.02
CA GLU B 106 5.74 29.16 36.42
C GLU B 106 4.60 28.21 36.06
N ALA B 107 4.60 27.71 34.83
CA ALA B 107 3.55 26.79 34.39
C ALA B 107 3.34 25.69 35.42
N ILE B 108 4.41 24.97 35.76
CA ILE B 108 4.34 23.90 36.73
C ILE B 108 3.94 24.39 38.13
N GLU B 109 4.37 25.59 38.49
CA GLU B 109 4.01 26.15 39.79
C GLU B 109 2.51 26.39 39.90
N TYR B 110 1.93 27.10 38.92
CA TYR B 110 0.50 27.40 38.93
C TYR B 110 -0.34 26.14 38.87
N ALA B 111 0.08 25.19 38.05
CA ALA B 111 -0.64 23.93 37.92
C ALA B 111 -0.58 23.12 39.21
N TRP B 112 0.57 23.16 39.87
CA TRP B 112 0.71 22.41 41.11
C TRP B 112 -0.11 23.01 42.23
N GLU B 113 -0.15 24.34 42.29
CA GLU B 113 -0.90 25.04 43.32
C GLU B 113 -2.39 24.76 43.13
N PHE B 114 -2.88 24.97 41.92
CA PHE B 114 -4.29 24.75 41.62
C PHE B 114 -4.76 23.34 41.96
N VAL B 115 -4.02 22.34 41.52
CA VAL B 115 -4.38 20.95 41.79
C VAL B 115 -4.40 20.58 43.26
N THR B 116 -3.35 20.97 43.98
CA THR B 116 -3.22 20.65 45.40
C THR B 116 -3.94 21.60 46.35
N GLU B 117 -3.89 22.90 46.07
CA GLU B 117 -4.53 23.89 46.94
C GLU B 117 -6.00 24.12 46.64
N VAL B 118 -6.32 24.49 45.41
CA VAL B 118 -7.71 24.74 45.02
C VAL B 118 -8.58 23.49 44.96
N LEU B 119 -8.27 22.59 44.01
CA LEU B 119 -9.02 21.34 43.87
C LEU B 119 -8.77 20.43 45.08
N LYS B 120 -7.76 20.78 45.87
CA LYS B 120 -7.39 20.03 47.05
C LYS B 120 -7.15 18.53 46.86
N LEU B 121 -6.53 18.15 45.74
CA LEU B 121 -6.24 16.73 45.51
C LEU B 121 -4.98 16.40 46.31
N PRO B 122 -5.00 15.26 47.01
CA PRO B 122 -3.85 14.84 47.81
C PRO B 122 -2.58 14.72 46.97
N LYS B 123 -1.56 15.47 47.34
CA LYS B 123 -0.28 15.47 46.62
C LYS B 123 0.37 14.10 46.57
N GLU B 124 0.10 13.26 47.57
CA GLU B 124 0.68 11.93 47.61
C GLU B 124 0.10 10.97 46.57
N LYS B 125 -1.05 11.33 46.01
CA LYS B 125 -1.70 10.51 45.00
C LYS B 125 -1.54 11.13 43.60
N LEU B 126 -0.65 12.10 43.48
CA LEU B 126 -0.41 12.78 42.21
C LEU B 126 0.90 12.30 41.55
N TYR B 127 0.83 12.09 40.24
CA TYR B 127 1.99 11.64 39.45
C TYR B 127 2.21 12.60 38.31
N VAL B 128 3.47 12.83 37.94
CA VAL B 128 3.75 13.73 36.83
C VAL B 128 4.68 13.07 35.82
N SER B 129 4.47 13.41 34.55
CA SER B 129 5.29 12.86 33.47
C SER B 129 6.08 13.98 32.80
N VAL B 130 7.30 13.67 32.36
CA VAL B 130 8.14 14.61 31.64
C VAL B 130 8.83 13.88 30.49
N TYR B 131 9.27 14.63 29.48
CA TYR B 131 9.97 14.00 28.36
C TYR B 131 11.31 13.51 28.88
N LYS B 132 11.74 12.33 28.45
CA LYS B 132 13.01 11.77 28.93
C LYS B 132 14.21 12.69 28.75
N ASP B 133 14.10 13.68 27.87
CA ASP B 133 15.21 14.59 27.62
C ASP B 133 15.01 15.98 28.20
N ASP B 134 13.85 16.21 28.80
CA ASP B 134 13.57 17.50 29.38
C ASP B 134 14.04 17.58 30.83
N GLU B 135 15.34 17.47 31.04
CA GLU B 135 15.92 17.50 32.38
C GLU B 135 15.45 18.73 33.16
N GLU B 136 15.17 19.80 32.43
CA GLU B 136 14.72 21.05 33.03
C GLU B 136 13.40 20.83 33.79
N ALA B 137 12.45 20.17 33.15
CA ALA B 137 11.16 19.90 33.78
C ALA B 137 11.27 18.89 34.92
N TYR B 138 12.08 17.85 34.73
CA TYR B 138 12.26 16.82 35.76
C TYR B 138 12.79 17.45 37.05
N ARG B 139 13.68 18.43 36.91
CA ARG B 139 14.26 19.10 38.05
C ARG B 139 13.25 19.99 38.76
N ILE B 140 12.47 20.73 37.98
CA ILE B 140 11.46 21.64 38.52
C ILE B 140 10.41 20.88 39.35
N TRP B 141 10.10 19.66 38.93
CA TRP B 141 9.13 18.83 39.62
C TRP B 141 9.73 18.16 40.86
N ASN B 142 10.90 17.55 40.69
CA ASN B 142 11.59 16.85 41.75
C ASN B 142 12.29 17.71 42.79
N GLU B 143 12.86 18.84 42.36
CA GLU B 143 13.57 19.71 43.28
C GLU B 143 12.81 20.94 43.71
N HIS B 144 12.28 21.70 42.75
CA HIS B 144 11.53 22.90 43.07
C HIS B 144 10.18 22.58 43.70
N ILE B 145 9.33 21.84 42.99
CA ILE B 145 8.01 21.47 43.48
C ILE B 145 8.12 20.43 44.60
N GLY B 146 9.09 19.53 44.50
CA GLY B 146 9.27 18.54 45.54
C GLY B 146 8.59 17.19 45.35
N ILE B 147 8.29 16.85 44.11
CA ILE B 147 7.66 15.56 43.83
C ILE B 147 8.73 14.50 43.95
N PRO B 148 8.48 13.43 44.73
CA PRO B 148 9.45 12.36 44.89
C PRO B 148 9.79 11.79 43.52
N SER B 149 10.93 11.11 43.43
CA SER B 149 11.35 10.50 42.18
C SER B 149 10.48 9.30 41.81
N GLU B 150 9.76 8.77 42.79
CA GLU B 150 8.90 7.61 42.57
C GLU B 150 7.55 7.97 41.95
N ARG B 151 7.24 9.27 41.94
CA ARG B 151 6.00 9.75 41.37
C ARG B 151 6.24 10.61 40.14
N ILE B 152 7.37 10.42 39.49
CA ILE B 152 7.69 11.16 38.27
C ILE B 152 7.99 10.15 37.18
N TRP B 153 7.46 10.35 35.97
CA TRP B 153 7.71 9.44 34.87
C TRP B 153 8.38 10.17 33.71
N ARG B 154 9.54 9.66 33.30
CA ARG B 154 10.26 10.25 32.17
C ARG B 154 9.94 9.36 30.98
N LEU B 155 9.08 9.87 30.10
CA LEU B 155 8.63 9.12 28.92
C LEU B 155 9.20 9.60 27.59
N GLY B 156 8.84 8.89 26.52
CA GLY B 156 9.32 9.24 25.19
C GLY B 156 8.55 10.31 24.46
N GLU B 157 8.99 10.59 23.24
CA GLU B 157 8.40 11.61 22.35
C GLU B 157 6.92 11.42 22.06
N GLU B 158 6.48 10.15 22.02
CA GLU B 158 5.08 9.84 21.75
C GLU B 158 4.22 10.14 22.96
N ASP B 159 4.86 10.34 24.11
CA ASP B 159 4.12 10.61 25.33
C ASP B 159 4.26 12.04 25.83
N ASN B 160 5.46 12.58 25.73
CA ASN B 160 5.73 13.90 26.23
C ASN B 160 6.33 14.94 25.27
N PHE B 161 5.90 14.93 24.02
CA PHE B 161 6.40 15.92 23.07
C PHE B 161 5.26 16.39 22.19
N TRP B 162 4.97 17.69 22.26
CA TRP B 162 3.89 18.29 21.50
C TRP B 162 4.38 19.13 20.31
N GLN B 163 3.71 19.00 19.18
CA GLN B 163 4.07 19.78 18.00
C GLN B 163 2.83 20.39 17.39
N MET B 164 2.89 21.69 17.11
CA MET B 164 1.77 22.41 16.52
C MET B 164 1.45 21.87 15.13
N GLY B 165 2.30 20.97 14.64
CA GLY B 165 2.10 20.40 13.32
C GLY B 165 3.40 19.82 12.81
N ASP B 166 3.38 19.29 11.59
CA ASP B 166 4.57 18.72 10.96
C ASP B 166 5.74 19.68 11.15
N VAL B 167 5.49 20.97 10.88
CA VAL B 167 6.51 22.00 11.05
C VAL B 167 5.96 23.08 11.96
N GLY B 168 6.85 23.95 12.44
CA GLY B 168 6.43 25.02 13.31
C GLY B 168 6.74 24.79 14.78
N PRO B 169 6.22 25.64 15.68
CA PRO B 169 6.47 25.50 17.11
C PRO B 169 6.11 24.14 17.71
N CYS B 170 6.90 23.72 18.68
CA CYS B 170 6.69 22.44 19.35
C CYS B 170 7.47 22.47 20.66
N GLY B 171 7.59 21.31 21.31
CA GLY B 171 8.31 21.27 22.57
C GLY B 171 7.91 20.14 23.48
N PRO B 172 8.61 19.93 24.59
CA PRO B 172 8.24 18.85 25.51
C PRO B 172 6.97 19.19 26.27
N SER B 173 6.34 18.16 26.83
CA SER B 173 5.13 18.34 27.56
C SER B 173 5.24 17.65 28.89
N SER B 174 4.30 17.95 29.77
CA SER B 174 4.28 17.35 31.08
C SER B 174 2.82 17.11 31.45
N GLU B 175 2.47 15.88 31.78
CA GLU B 175 1.10 15.59 32.16
C GLU B 175 1.05 15.26 33.66
N ILE B 176 -0.05 15.65 34.30
CA ILE B 176 -0.29 15.41 35.71
C ILE B 176 -1.42 14.37 35.78
N TYR B 177 -1.22 13.32 36.57
CA TYR B 177 -2.18 12.24 36.71
C TYR B 177 -2.65 12.11 38.17
N VAL B 178 -3.83 11.54 38.36
CA VAL B 178 -4.38 11.33 39.70
C VAL B 178 -4.58 9.83 39.88
N ASP B 179 -3.96 9.28 40.92
CA ASP B 179 -4.05 7.85 41.23
C ASP B 179 -5.41 7.67 41.90
N ARG B 180 -6.34 7.06 41.18
CA ARG B 180 -7.68 6.86 41.69
C ARG B 180 -7.84 5.70 42.66
N GLY B 181 -6.85 4.81 42.72
CA GLY B 181 -6.95 3.68 43.64
C GLY B 181 -6.51 2.35 43.07
N GLU B 182 -6.10 1.45 43.96
CA GLU B 182 -5.63 0.13 43.59
C GLU B 182 -6.68 -0.74 42.88
N GLU B 183 -7.92 -0.27 42.85
CA GLU B 183 -9.00 -1.01 42.22
C GLU B 183 -9.07 -0.80 40.70
N TYR B 184 -8.47 0.28 40.23
CA TYR B 184 -8.46 0.58 38.80
C TYR B 184 -7.16 0.13 38.15
N GLU B 185 -7.12 0.18 36.83
CA GLU B 185 -5.96 -0.27 36.08
C GLU B 185 -5.51 0.74 35.03
N GLY B 186 -4.28 0.57 34.56
CA GLY B 186 -3.72 1.44 33.54
C GLY B 186 -4.03 2.91 33.65
N ASP B 187 -4.39 3.49 32.50
CA ASP B 187 -4.71 4.91 32.41
C ASP B 187 -6.05 5.22 33.03
N GLU B 188 -6.57 4.27 33.79
CA GLU B 188 -7.82 4.45 34.49
C GLU B 188 -7.51 4.68 35.96
N ARG B 189 -6.41 4.09 36.44
CA ARG B 189 -6.04 4.29 37.81
C ARG B 189 -5.26 5.60 37.93
N TYR B 190 -4.51 5.92 36.87
CA TYR B 190 -3.72 7.13 36.82
C TYR B 190 -4.30 8.00 35.74
N LEU B 191 -5.47 8.56 36.03
CA LEU B 191 -6.18 9.40 35.09
C LEU B 191 -5.49 10.73 34.83
N GLU B 192 -5.28 11.05 33.55
CA GLU B 192 -4.65 12.29 33.15
C GLU B 192 -5.65 13.40 33.35
N ILE B 193 -5.27 14.42 34.12
CA ILE B 193 -6.21 15.50 34.35
C ILE B 193 -5.74 16.84 33.81
N TRP B 194 -4.48 16.95 33.45
CA TRP B 194 -3.98 18.21 32.95
C TRP B 194 -2.72 18.01 32.11
N ASN B 195 -2.71 18.59 30.92
CA ASN B 195 -1.55 18.46 30.03
C ASN B 195 -0.87 19.81 29.87
N LEU B 196 0.38 19.91 30.30
CA LEU B 196 1.14 21.15 30.16
C LEU B 196 2.10 21.02 28.97
N VAL B 197 2.03 21.95 28.03
CA VAL B 197 2.90 21.92 26.85
C VAL B 197 3.90 23.07 26.88
N PHE B 198 5.16 22.77 26.65
CA PHE B 198 6.18 23.81 26.67
C PHE B 198 6.68 24.10 25.27
N MET B 199 6.03 25.06 24.61
CA MET B 199 6.43 25.44 23.26
C MET B 199 7.84 26.02 23.32
N GLN B 200 8.84 25.16 23.11
CA GLN B 200 10.26 25.55 23.19
C GLN B 200 11.03 25.61 21.88
N TYR B 201 10.59 24.86 20.89
CA TYR B 201 11.31 24.84 19.62
C TYR B 201 10.42 25.08 18.41
N ASN B 202 11.08 25.17 17.26
CA ASN B 202 10.40 25.36 16.00
C ASN B 202 11.01 24.27 15.13
N ARG B 203 10.17 23.53 14.42
CA ARG B 203 10.67 22.46 13.57
C ARG B 203 10.56 22.90 12.11
N ASP B 204 11.70 22.97 11.42
CA ASP B 204 11.72 23.38 10.02
C ASP B 204 11.24 22.28 9.07
N GLU B 205 11.31 22.58 7.78
CA GLU B 205 10.85 21.69 6.71
C GLU B 205 11.74 20.47 6.56
N ASN B 206 12.83 20.44 7.29
CA ASN B 206 13.73 19.29 7.23
C ASN B 206 13.64 18.51 8.54
N GLY B 207 12.79 18.99 9.45
CA GLY B 207 12.61 18.33 10.73
C GLY B 207 13.70 18.62 11.76
N VAL B 208 14.33 19.77 11.63
CA VAL B 208 15.39 20.17 12.55
C VAL B 208 14.80 21.12 13.57
N LEU B 209 15.13 20.91 14.84
CA LEU B 209 14.58 21.76 15.89
C LEU B 209 15.55 22.84 16.37
N THR B 210 15.07 24.09 16.39
CA THR B 210 15.88 25.21 16.84
C THR B 210 15.12 25.95 17.93
N PRO B 211 15.84 26.48 18.92
CA PRO B 211 15.19 27.21 20.01
C PRO B 211 14.29 28.37 19.52
N LEU B 212 13.24 28.66 20.27
CA LEU B 212 12.33 29.75 19.94
C LEU B 212 12.82 30.98 20.68
N PRO B 213 12.82 32.13 20.02
CA PRO B 213 13.29 33.34 20.72
C PRO B 213 12.39 33.70 21.90
N HIS B 214 11.11 33.31 21.83
CA HIS B 214 10.15 33.59 22.90
C HIS B 214 9.22 32.40 23.14
N PRO B 215 9.64 31.47 24.03
CA PRO B 215 8.87 30.27 24.38
C PRO B 215 7.48 30.54 24.93
N ASN B 216 6.54 29.66 24.58
CA ASN B 216 5.16 29.80 25.02
C ASN B 216 4.65 28.62 25.83
N ILE B 217 3.57 28.85 26.56
CA ILE B 217 2.95 27.81 27.36
C ILE B 217 1.53 27.59 26.83
N ASP B 218 1.12 26.33 26.78
CA ASP B 218 -0.21 25.95 26.35
C ASP B 218 -0.60 24.81 27.27
N THR B 219 -1.74 24.94 27.96
CA THR B 219 -2.20 23.89 28.86
C THR B 219 -3.63 23.50 28.53
N GLY B 220 -4.00 22.28 28.91
CA GLY B 220 -5.36 21.80 28.66
C GLY B 220 -5.85 20.84 29.72
N MET B 221 -6.96 21.18 30.36
CA MET B 221 -7.54 20.31 31.38
C MET B 221 -9.00 20.01 31.04
N GLY B 222 -9.28 18.75 30.73
CA GLY B 222 -10.65 18.38 30.40
C GLY B 222 -11.56 18.63 31.59
N LEU B 223 -12.49 19.58 31.46
CA LEU B 223 -13.42 19.90 32.56
C LEU B 223 -14.24 18.69 33.00
N GLU B 224 -14.92 18.05 32.05
CA GLU B 224 -15.74 16.88 32.36
C GLU B 224 -14.94 15.81 33.04
N ARG B 225 -13.68 15.68 32.65
CA ARG B 225 -12.83 14.66 33.22
C ARG B 225 -12.38 14.96 34.64
N ILE B 226 -11.94 16.19 34.89
CA ILE B 226 -11.49 16.55 36.23
C ILE B 226 -12.65 16.47 37.21
N ALA B 227 -13.85 16.83 36.73
CA ALA B 227 -15.05 16.80 37.54
C ALA B 227 -15.36 15.36 37.98
N SER B 228 -15.18 14.41 37.07
CA SER B 228 -15.46 13.01 37.38
C SER B 228 -14.62 12.54 38.56
N VAL B 229 -13.41 13.09 38.66
CA VAL B 229 -12.50 12.74 39.73
C VAL B 229 -12.99 13.35 41.03
N LEU B 230 -13.18 14.67 41.03
CA LEU B 230 -13.62 15.37 42.23
C LEU B 230 -15.02 14.92 42.70
N GLN B 231 -15.86 14.52 41.76
CA GLN B 231 -17.20 14.07 42.11
C GLN B 231 -17.28 12.59 42.44
N GLY B 232 -16.13 11.92 42.39
CA GLY B 232 -16.09 10.51 42.71
C GLY B 232 -16.78 9.56 41.74
N LYS B 233 -16.88 9.94 40.46
CA LYS B 233 -17.52 9.10 39.46
C LYS B 233 -16.48 8.28 38.68
N ASN B 234 -16.87 7.12 38.14
CA ASN B 234 -15.94 6.28 37.37
C ASN B 234 -16.23 6.42 35.87
N SER B 235 -16.83 7.55 35.51
CA SER B 235 -17.17 7.86 34.13
C SER B 235 -17.53 9.34 34.02
N ASN B 236 -17.14 9.97 32.90
CA ASN B 236 -17.45 11.37 32.69
C ASN B 236 -18.96 11.55 32.49
N PHE B 237 -19.64 10.48 32.06
CA PHE B 237 -21.08 10.56 31.81
C PHE B 237 -21.89 10.55 33.09
N GLU B 238 -21.23 10.30 34.22
CA GLU B 238 -21.89 10.27 35.50
C GLU B 238 -21.67 11.56 36.30
N ILE B 239 -21.01 12.54 35.70
CA ILE B 239 -20.77 13.81 36.38
C ILE B 239 -22.06 14.61 36.46
N ASP B 240 -22.09 15.57 37.37
CA ASP B 240 -23.26 16.42 37.60
C ASP B 240 -23.90 17.06 36.38
N ILE B 241 -23.11 17.50 35.41
CA ILE B 241 -23.67 18.16 34.25
C ILE B 241 -23.92 17.27 33.03
N ILE B 242 -23.79 15.96 33.21
CA ILE B 242 -24.03 15.04 32.11
C ILE B 242 -25.05 13.98 32.49
N PHE B 243 -24.93 13.41 33.70
CA PHE B 243 -25.86 12.36 34.11
C PHE B 243 -27.34 12.68 33.90
N PRO B 244 -27.74 13.95 34.05
CA PRO B 244 -29.15 14.30 33.84
C PRO B 244 -29.59 13.98 32.41
N LEU B 245 -28.63 14.02 31.49
CA LEU B 245 -28.93 13.75 30.08
C LEU B 245 -29.09 12.25 29.90
N ILE B 246 -28.26 11.49 30.61
CA ILE B 246 -28.30 10.03 30.58
C ILE B 246 -29.65 9.58 31.13
N GLN B 247 -30.15 10.34 32.10
CA GLN B 247 -31.43 10.02 32.73
C GLN B 247 -32.53 10.35 31.72
N PHE B 248 -32.31 11.41 30.95
CA PHE B 248 -33.25 11.82 29.92
C PHE B 248 -33.49 10.65 29.00
N GLY B 249 -32.41 10.03 28.53
CA GLY B 249 -32.56 8.89 27.65
C GLY B 249 -33.33 7.77 28.34
N GLU B 250 -33.23 7.72 29.67
CA GLU B 250 -33.90 6.69 30.43
C GLU B 250 -35.42 6.86 30.39
N GLU B 251 -35.88 8.06 30.72
CA GLU B 251 -37.32 8.33 30.74
C GLU B 251 -37.96 8.27 29.36
N VAL B 252 -37.18 8.61 28.32
CA VAL B 252 -37.73 8.58 26.98
C VAL B 252 -37.87 7.17 26.44
N SER B 253 -36.87 6.34 26.67
CA SER B 253 -36.86 4.97 26.19
C SER B 253 -37.55 3.99 27.14
N GLY B 254 -37.58 4.35 28.42
CA GLY B 254 -38.19 3.48 29.40
C GLY B 254 -37.16 2.45 29.84
N LYS B 255 -35.92 2.63 29.39
CA LYS B 255 -34.84 1.72 29.74
C LYS B 255 -34.04 2.29 30.91
N LYS B 256 -33.23 1.45 31.54
CA LYS B 256 -32.42 1.88 32.68
C LYS B 256 -30.93 1.76 32.39
N TYR B 257 -30.20 2.80 32.77
CA TYR B 257 -28.75 2.87 32.60
C TYR B 257 -28.04 1.98 33.60
N GLY B 258 -26.98 1.32 33.17
CA GLY B 258 -26.22 0.48 34.06
C GLY B 258 -26.62 -0.98 34.16
N GLU B 259 -27.50 -1.43 33.26
CA GLU B 259 -27.93 -2.82 33.28
C GLU B 259 -27.27 -3.62 32.16
N LYS B 260 -27.30 -3.07 30.95
CA LYS B 260 -26.72 -3.77 29.79
C LYS B 260 -25.78 -2.84 29.03
N PHE B 261 -24.59 -3.34 28.72
CA PHE B 261 -23.61 -2.53 27.98
C PHE B 261 -24.24 -1.82 26.78
N GLU B 262 -24.79 -2.59 25.85
CA GLU B 262 -25.41 -2.04 24.64
C GLU B 262 -26.40 -0.91 24.93
N THR B 263 -27.08 -1.02 26.05
CA THR B 263 -28.05 -0.01 26.47
C THR B 263 -27.33 1.27 26.89
N ASP B 264 -26.22 1.11 27.63
CA ASP B 264 -25.43 2.25 28.09
C ASP B 264 -24.77 2.95 26.90
N VAL B 265 -24.38 2.18 25.90
CA VAL B 265 -23.74 2.79 24.73
C VAL B 265 -24.71 3.77 24.10
N ALA B 266 -25.95 3.32 23.88
CA ALA B 266 -26.97 4.18 23.29
C ALA B 266 -27.25 5.40 24.15
N LEU B 267 -27.50 5.20 25.44
CA LEU B 267 -27.77 6.32 26.35
C LEU B 267 -26.62 7.33 26.36
N ARG B 268 -25.37 6.86 26.34
CA ARG B 268 -24.22 7.76 26.33
C ARG B 268 -24.18 8.51 25.00
N VAL B 269 -24.31 7.79 23.89
CA VAL B 269 -24.30 8.41 22.57
C VAL B 269 -25.32 9.55 22.56
N ILE B 270 -26.51 9.29 23.09
CA ILE B 270 -27.54 10.32 23.12
C ILE B 270 -27.16 11.49 24.02
N ALA B 271 -26.63 11.19 25.21
CA ALA B 271 -26.22 12.24 26.15
C ALA B 271 -25.16 13.14 25.52
N ASP B 272 -24.07 12.53 25.07
CA ASP B 272 -22.97 13.27 24.45
C ASP B 272 -23.39 14.02 23.19
N HIS B 273 -24.08 13.33 22.28
CA HIS B 273 -24.47 13.96 21.04
C HIS B 273 -25.43 15.14 21.21
N LEU B 274 -26.28 15.09 22.25
CA LEU B 274 -27.22 16.18 22.50
C LEU B 274 -26.46 17.47 22.84
N ARG B 275 -25.27 17.32 23.42
CA ARG B 275 -24.45 18.45 23.77
C ARG B 275 -23.80 18.98 22.51
N ALA B 276 -23.19 18.07 21.77
CA ALA B 276 -22.51 18.41 20.53
C ALA B 276 -23.42 19.18 19.57
N ILE B 277 -24.66 18.71 19.42
CA ILE B 277 -25.62 19.36 18.53
C ILE B 277 -26.15 20.69 19.06
N THR B 278 -26.43 20.74 20.37
CA THR B 278 -26.94 21.95 20.97
C THR B 278 -25.96 23.11 20.76
N PHE B 279 -24.72 22.91 21.18
CA PHE B 279 -23.68 23.93 21.05
C PHE B 279 -23.30 24.25 19.59
N ALA B 280 -23.22 23.24 18.73
CA ALA B 280 -22.85 23.49 17.34
C ALA B 280 -23.90 24.34 16.66
N ILE B 281 -25.14 23.84 16.65
CA ILE B 281 -26.24 24.56 16.03
C ILE B 281 -26.38 25.94 16.67
N SER B 282 -26.03 26.05 17.94
CA SER B 282 -26.11 27.35 18.61
C SER B 282 -25.08 28.29 18.01
N ASP B 283 -23.87 27.80 17.78
CA ASP B 283 -22.80 28.60 17.22
C ASP B 283 -22.89 28.79 15.71
N GLY B 284 -24.06 28.56 15.15
CA GLY B 284 -24.25 28.76 13.72
C GLY B 284 -24.08 27.60 12.75
N VAL B 285 -24.08 26.36 13.23
CA VAL B 285 -23.93 25.25 12.29
C VAL B 285 -25.29 24.71 11.87
N ILE B 286 -25.55 24.74 10.56
CA ILE B 286 -26.81 24.25 10.02
C ILE B 286 -26.60 22.88 9.41
N PRO B 287 -27.42 21.90 9.79
CA PRO B 287 -27.29 20.54 9.25
C PRO B 287 -27.36 20.51 7.73
N SER B 288 -26.41 19.82 7.10
CA SER B 288 -26.40 19.74 5.64
C SER B 288 -25.62 18.53 5.18
N ASN B 289 -25.38 18.46 3.87
CA ASN B 289 -24.66 17.33 3.30
C ASN B 289 -23.22 17.63 2.95
N GLU B 290 -22.59 18.52 3.71
CA GLU B 290 -21.20 18.86 3.44
C GLU B 290 -20.56 19.63 4.58
N GLY B 291 -19.25 19.44 4.75
CA GLY B 291 -18.50 20.14 5.79
C GLY B 291 -19.03 20.05 7.21
N ARG B 292 -18.90 21.16 7.94
CA ARG B 292 -19.35 21.26 9.32
C ARG B 292 -20.81 20.84 9.45
N GLY B 293 -21.64 21.28 8.51
CA GLY B 293 -23.04 20.92 8.52
C GLY B 293 -23.27 19.42 8.48
N TYR B 294 -22.48 18.71 7.69
CA TYR B 294 -22.63 17.27 7.59
C TYR B 294 -22.12 16.56 8.84
N VAL B 295 -21.13 17.14 9.50
CA VAL B 295 -20.60 16.54 10.73
C VAL B 295 -21.71 16.55 11.79
N ILE B 296 -22.49 17.63 11.82
CA ILE B 296 -23.59 17.75 12.77
C ILE B 296 -24.75 16.85 12.33
N ARG B 297 -24.99 16.77 11.03
CA ARG B 297 -26.06 15.91 10.55
C ARG B 297 -25.77 14.45 10.90
N ARG B 298 -24.50 14.03 10.81
CA ARG B 298 -24.15 12.65 11.14
C ARG B 298 -24.36 12.36 12.64
N ILE B 299 -23.96 13.30 13.49
CA ILE B 299 -24.10 13.18 14.94
C ILE B 299 -25.58 13.08 15.31
N LEU B 300 -26.37 13.95 14.70
CA LEU B 300 -27.81 13.98 14.92
C LEU B 300 -28.42 12.65 14.49
N ARG B 301 -28.06 12.21 13.29
CA ARG B 301 -28.58 10.96 12.78
C ARG B 301 -28.15 9.81 13.68
N ARG B 302 -26.88 9.79 14.06
CA ARG B 302 -26.37 8.72 14.91
C ARG B 302 -27.17 8.62 16.20
N ALA B 303 -27.50 9.76 16.81
CA ALA B 303 -28.29 9.76 18.03
C ALA B 303 -29.68 9.23 17.74
N MET B 304 -30.22 9.57 16.57
CA MET B 304 -31.55 9.09 16.18
C MET B 304 -31.54 7.58 16.02
N ARG B 305 -30.47 7.02 15.47
CA ARG B 305 -30.37 5.58 15.27
C ARG B 305 -30.27 4.81 16.59
N PHE B 306 -29.45 5.31 17.52
CA PHE B 306 -29.29 4.64 18.80
C PHE B 306 -30.55 4.79 19.63
N GLY B 307 -31.21 5.94 19.47
CA GLY B 307 -32.45 6.18 20.18
C GLY B 307 -33.47 5.15 19.70
N TYR B 308 -33.69 5.14 18.40
CA TYR B 308 -34.61 4.20 17.77
C TYR B 308 -34.22 2.78 18.16
N LYS B 309 -32.93 2.57 18.38
CA LYS B 309 -32.42 1.25 18.77
C LYS B 309 -32.93 0.86 20.16
N LEU B 310 -33.26 1.86 20.97
CA LEU B 310 -33.78 1.64 22.32
C LEU B 310 -35.30 1.55 22.34
N GLY B 311 -35.91 1.59 21.16
CA GLY B 311 -37.36 1.50 21.09
C GLY B 311 -38.09 2.81 20.85
N ILE B 312 -37.40 3.94 21.02
CA ILE B 312 -38.02 5.24 20.81
C ILE B 312 -38.54 5.31 19.37
N GLU B 313 -39.86 5.45 19.21
CA GLU B 313 -40.49 5.51 17.89
C GLU B 313 -40.82 6.91 17.36
N ASN B 314 -40.49 7.96 18.10
CA ASN B 314 -40.79 9.32 17.65
C ASN B 314 -39.62 10.27 17.93
N PRO B 315 -39.71 11.52 17.41
CA PRO B 315 -38.66 12.53 17.61
C PRO B 315 -38.52 12.79 19.11
N PHE B 316 -37.28 12.91 19.59
CA PHE B 316 -37.04 13.09 21.01
C PHE B 316 -35.84 13.98 21.31
N LEU B 317 -34.86 13.99 20.41
CA LEU B 317 -33.67 14.80 20.62
C LEU B 317 -33.98 16.28 20.83
N TYR B 318 -35.00 16.81 20.15
CA TYR B 318 -35.33 18.23 20.31
C TYR B 318 -35.74 18.57 21.74
N LYS B 319 -36.18 17.57 22.49
CA LYS B 319 -36.59 17.76 23.88
C LYS B 319 -35.34 17.82 24.73
N GLY B 320 -34.33 17.06 24.31
CA GLY B 320 -33.08 17.02 25.03
C GLY B 320 -32.36 18.35 25.00
N VAL B 321 -32.62 19.12 23.95
CA VAL B 321 -32.01 20.43 23.81
C VAL B 321 -32.34 21.31 25.02
N ASP B 322 -33.59 21.32 25.45
CA ASP B 322 -34.00 22.14 26.59
C ASP B 322 -33.21 21.82 27.84
N LEU B 323 -32.90 20.54 28.01
CA LEU B 323 -32.14 20.10 29.18
C LEU B 323 -30.70 20.62 29.11
N VAL B 324 -30.08 20.56 27.94
CA VAL B 324 -28.71 21.04 27.78
C VAL B 324 -28.64 22.54 28.04
N VAL B 325 -29.60 23.27 27.48
CA VAL B 325 -29.67 24.72 27.65
C VAL B 325 -29.87 25.11 29.11
N ASP B 326 -30.67 24.36 29.85
CA ASP B 326 -30.93 24.69 31.24
C ASP B 326 -29.81 24.23 32.17
N ILE B 327 -29.06 23.22 31.74
CA ILE B 327 -27.95 22.70 32.53
C ILE B 327 -26.72 23.58 32.33
N MET B 328 -26.49 24.02 31.09
CA MET B 328 -25.32 24.83 30.80
C MET B 328 -25.59 26.32 30.57
N LYS B 329 -26.72 26.82 31.04
CA LYS B 329 -27.03 28.24 30.84
C LYS B 329 -26.18 29.20 31.67
N GLU B 330 -25.71 28.78 32.85
CA GLU B 330 -24.90 29.63 33.72
C GLU B 330 -23.61 30.06 33.02
N PRO B 331 -22.78 29.09 32.59
CA PRO B 331 -21.53 29.40 31.90
C PRO B 331 -21.76 29.85 30.46
N TYR B 332 -22.90 29.47 29.89
CA TYR B 332 -23.21 29.85 28.50
C TYR B 332 -24.63 30.39 28.39
N PRO B 333 -24.89 31.57 28.97
CA PRO B 333 -26.21 32.20 28.94
C PRO B 333 -26.72 32.47 27.52
N GLU B 334 -25.80 32.51 26.56
CA GLU B 334 -26.18 32.76 25.17
C GLU B 334 -27.14 31.69 24.68
N LEU B 335 -26.93 30.45 25.11
CA LEU B 335 -27.77 29.32 24.70
C LEU B 335 -29.25 29.64 24.80
N GLU B 336 -29.65 30.32 25.87
CA GLU B 336 -31.06 30.64 26.05
C GLU B 336 -31.65 31.40 24.84
N LEU B 337 -30.90 32.36 24.30
CA LEU B 337 -31.41 33.13 23.16
C LEU B 337 -31.50 32.24 21.91
N SER B 338 -30.72 31.18 21.87
CA SER B 338 -30.77 30.29 20.73
C SER B 338 -31.52 29.00 21.07
N ARG B 339 -32.16 28.99 22.24
CA ARG B 339 -32.91 27.83 22.70
C ARG B 339 -33.96 27.34 21.70
N GLU B 340 -34.90 28.21 21.36
CA GLU B 340 -35.96 27.85 20.43
C GLU B 340 -35.45 27.68 19.02
N PHE B 341 -34.32 28.32 18.72
CA PHE B 341 -33.71 28.22 17.40
C PHE B 341 -33.14 26.82 17.20
N VAL B 342 -32.28 26.39 18.13
CA VAL B 342 -31.65 25.08 18.06
C VAL B 342 -32.69 23.96 18.14
N LYS B 343 -33.67 24.15 19.02
CA LYS B 343 -34.74 23.18 19.20
C LYS B 343 -35.54 22.99 17.90
N GLY B 344 -35.73 24.09 17.19
CA GLY B 344 -36.46 24.01 15.93
C GLY B 344 -35.68 23.23 14.90
N ILE B 345 -34.38 23.52 14.79
CA ILE B 345 -33.51 22.85 13.83
C ILE B 345 -33.48 21.35 14.08
N VAL B 346 -33.25 20.97 15.33
CA VAL B 346 -33.19 19.57 15.70
C VAL B 346 -34.44 18.80 15.34
N LYS B 347 -35.59 19.32 15.76
CA LYS B 347 -36.88 18.69 15.52
C LYS B 347 -37.16 18.60 14.03
N GLY B 348 -36.86 19.69 13.31
CA GLY B 348 -37.07 19.71 11.88
C GLY B 348 -36.31 18.58 11.21
N GLU B 349 -35.08 18.36 11.66
CA GLU B 349 -34.21 17.31 11.12
C GLU B 349 -34.74 15.93 11.50
N GLU B 350 -35.13 15.74 12.76
CA GLU B 350 -35.64 14.43 13.19
C GLU B 350 -36.88 14.06 12.39
N LYS B 351 -37.79 15.00 12.23
CA LYS B 351 -39.03 14.75 11.49
C LYS B 351 -38.72 14.47 10.03
N ARG B 352 -37.64 15.09 9.54
CA ARG B 352 -37.23 14.92 8.16
C ARG B 352 -36.61 13.56 7.88
N PHE B 353 -35.79 13.07 8.79
CA PHE B 353 -35.10 11.79 8.57
C PHE B 353 -35.58 10.56 9.34
N ILE B 354 -36.43 10.75 10.33
CA ILE B 354 -36.88 9.61 11.14
C ILE B 354 -37.50 8.41 10.40
N LYS B 355 -38.47 8.65 9.53
CA LYS B 355 -39.09 7.55 8.81
C LYS B 355 -38.10 6.85 7.90
N THR B 356 -37.34 7.63 7.14
CA THR B 356 -36.37 7.03 6.23
C THR B 356 -35.34 6.23 7.02
N LEU B 357 -35.12 6.64 8.27
CA LEU B 357 -34.18 5.96 9.16
C LEU B 357 -34.73 4.59 9.58
N LYS B 358 -36.04 4.53 9.82
CA LYS B 358 -36.66 3.27 10.23
C LYS B 358 -36.65 2.32 9.02
N ALA B 359 -37.09 2.82 7.86
CA ALA B 359 -37.11 2.01 6.65
C ALA B 359 -35.71 1.52 6.32
N GLY B 360 -34.73 2.40 6.52
CA GLY B 360 -33.34 2.05 6.25
C GLY B 360 -32.80 1.00 7.19
N MET B 361 -33.24 1.03 8.44
CA MET B 361 -32.77 0.03 9.40
C MET B 361 -33.29 -1.34 8.95
N GLU B 362 -34.56 -1.39 8.59
CA GLU B 362 -35.14 -2.63 8.12
C GLU B 362 -34.31 -3.19 6.94
N TYR B 363 -33.96 -2.32 5.99
CA TYR B 363 -33.18 -2.75 4.82
C TYR B 363 -31.81 -3.31 5.18
N ILE B 364 -31.08 -2.56 5.99
CA ILE B 364 -29.74 -2.95 6.40
C ILE B 364 -29.74 -4.24 7.23
N GLN B 365 -30.70 -4.36 8.14
CA GLN B 365 -30.76 -5.55 8.97
C GLN B 365 -31.17 -6.75 8.11
N GLU B 366 -31.83 -6.46 6.98
CA GLU B 366 -32.24 -7.53 6.08
C GLU B 366 -31.02 -8.06 5.33
N VAL B 367 -30.29 -7.17 4.65
CA VAL B 367 -29.10 -7.59 3.91
C VAL B 367 -28.03 -8.16 4.81
N ILE B 368 -28.04 -7.77 6.09
CA ILE B 368 -27.06 -8.28 7.03
C ILE B 368 -27.41 -9.73 7.35
N GLN B 369 -28.69 -9.97 7.59
CA GLN B 369 -29.18 -11.31 7.92
C GLN B 369 -29.03 -12.26 6.73
N LYS B 370 -29.17 -11.70 5.53
CA LYS B 370 -29.02 -12.47 4.31
C LYS B 370 -27.56 -12.83 4.13
N ALA B 371 -26.70 -11.83 4.35
CA ALA B 371 -25.27 -12.00 4.20
C ALA B 371 -24.76 -13.23 4.97
N LEU B 372 -24.90 -13.21 6.28
CA LEU B 372 -24.42 -14.35 7.07
C LEU B 372 -25.22 -15.61 6.80
N GLU B 373 -26.35 -15.47 6.10
CA GLU B 373 -27.17 -16.62 5.77
C GLU B 373 -26.41 -17.39 4.70
N GLU B 374 -25.83 -16.66 3.75
CA GLU B 374 -25.07 -17.26 2.66
C GLU B 374 -23.57 -17.24 2.90
N GLY B 375 -23.17 -16.89 4.11
CA GLY B 375 -21.76 -16.85 4.44
C GLY B 375 -20.98 -15.67 3.92
N ARG B 376 -21.60 -14.51 3.76
CA ARG B 376 -20.91 -13.32 3.28
C ARG B 376 -20.38 -12.52 4.47
N LYS B 377 -19.06 -12.34 4.53
CA LYS B 377 -18.42 -11.62 5.63
C LYS B 377 -18.43 -10.10 5.52
N THR B 378 -19.01 -9.56 4.46
CA THR B 378 -19.07 -8.11 4.27
C THR B 378 -20.28 -7.72 3.43
N LEU B 379 -20.75 -6.50 3.61
CA LEU B 379 -21.87 -6.02 2.82
C LEU B 379 -21.26 -5.57 1.51
N SER B 380 -21.91 -5.92 0.40
CA SER B 380 -21.42 -5.56 -0.92
C SER B 380 -21.47 -4.06 -1.14
N GLY B 381 -20.63 -3.57 -2.06
CA GLY B 381 -20.60 -2.16 -2.36
C GLY B 381 -21.97 -1.66 -2.77
N LYS B 382 -22.74 -2.52 -3.41
CA LYS B 382 -24.07 -2.19 -3.89
C LYS B 382 -25.07 -2.04 -2.74
N GLU B 383 -24.97 -2.91 -1.74
CA GLU B 383 -25.86 -2.84 -0.58
C GLU B 383 -25.52 -1.63 0.28
N VAL B 384 -24.25 -1.23 0.26
CA VAL B 384 -23.81 -0.07 1.04
C VAL B 384 -24.27 1.20 0.35
N PHE B 385 -24.08 1.26 -0.97
CA PHE B 385 -24.49 2.42 -1.73
C PHE B 385 -26.00 2.66 -1.56
N THR B 386 -26.77 1.56 -1.59
CA THR B 386 -28.23 1.60 -1.45
C THR B 386 -28.66 2.28 -0.15
N ALA B 387 -28.04 1.89 0.95
CA ALA B 387 -28.35 2.46 2.26
C ALA B 387 -27.85 3.89 2.35
N TYR B 388 -26.77 4.19 1.64
CA TYR B 388 -26.17 5.52 1.63
C TYR B 388 -26.93 6.48 0.73
N ASP B 389 -27.25 6.02 -0.47
CA ASP B 389 -27.96 6.82 -1.47
C ASP B 389 -29.48 6.77 -1.32
N THR B 390 -30.07 5.58 -1.38
CA THR B 390 -31.52 5.45 -1.26
C THR B 390 -32.07 5.81 0.13
N TYR B 391 -31.34 5.41 1.17
CA TYR B 391 -31.80 5.67 2.54
C TYR B 391 -31.06 6.79 3.25
N GLY B 392 -30.16 7.45 2.54
CA GLY B 392 -29.42 8.56 3.10
C GLY B 392 -28.57 8.26 4.32
N PHE B 393 -28.29 6.99 4.57
CA PHE B 393 -27.49 6.62 5.73
C PHE B 393 -26.03 7.02 5.59
N PRO B 394 -25.49 7.72 6.58
CA PRO B 394 -24.07 8.11 6.48
C PRO B 394 -23.27 6.83 6.30
N VAL B 395 -22.15 6.91 5.59
CA VAL B 395 -21.35 5.72 5.40
C VAL B 395 -20.86 5.17 6.72
N ASP B 396 -20.47 6.05 7.65
CA ASP B 396 -19.98 5.60 8.94
C ASP B 396 -21.03 4.84 9.76
N LEU B 397 -22.27 5.30 9.70
CA LEU B 397 -23.34 4.67 10.45
C LEU B 397 -23.61 3.28 9.90
N ILE B 398 -23.50 3.16 8.58
CA ILE B 398 -23.73 1.88 7.92
C ILE B 398 -22.69 0.87 8.44
N ASP B 399 -21.43 1.28 8.47
CA ASP B 399 -20.35 0.42 8.95
C ASP B 399 -20.58 -0.01 10.40
N GLU B 400 -20.82 0.96 11.29
CA GLU B 400 -21.05 0.66 12.70
C GLU B 400 -22.18 -0.37 12.86
N ILE B 401 -23.29 -0.14 12.15
CA ILE B 401 -24.46 -1.02 12.20
C ILE B 401 -24.09 -2.44 11.78
N ALA B 402 -23.34 -2.55 10.69
CA ALA B 402 -22.89 -3.83 10.16
C ALA B 402 -21.86 -4.46 11.08
N ARG B 403 -21.05 -3.60 11.71
CA ARG B 403 -20.01 -4.07 12.62
C ARG B 403 -20.64 -4.77 13.83
N GLU B 404 -21.85 -4.35 14.21
CA GLU B 404 -22.53 -4.95 15.35
C GLU B 404 -22.81 -6.44 15.14
N LYS B 405 -22.79 -6.86 13.88
CA LYS B 405 -23.03 -8.25 13.52
C LYS B 405 -21.77 -8.93 13.00
N GLY B 406 -20.64 -8.26 13.16
CA GLY B 406 -19.38 -8.83 12.70
C GLY B 406 -19.13 -8.70 11.22
N LEU B 407 -19.98 -7.95 10.53
CA LEU B 407 -19.83 -7.74 9.11
C LEU B 407 -19.11 -6.44 8.80
N GLY B 408 -18.34 -6.45 7.73
CA GLY B 408 -17.62 -5.25 7.33
C GLY B 408 -18.31 -4.71 6.09
N ILE B 409 -17.60 -3.89 5.33
CA ILE B 409 -18.16 -3.34 4.12
C ILE B 409 -17.16 -3.44 2.98
N ASP B 410 -17.66 -3.80 1.80
CA ASP B 410 -16.83 -3.94 0.61
C ASP B 410 -16.30 -2.57 0.20
N LEU B 411 -15.08 -2.26 0.63
CA LEU B 411 -14.46 -0.97 0.34
C LEU B 411 -14.46 -0.63 -1.15
N GLU B 412 -13.54 -1.23 -1.89
CA GLU B 412 -13.45 -0.97 -3.33
C GLU B 412 -14.79 -1.21 -4.00
N GLY B 413 -15.52 -2.22 -3.52
CA GLY B 413 -16.81 -2.51 -4.10
C GLY B 413 -17.68 -1.27 -4.05
N PHE B 414 -17.62 -0.57 -2.92
CA PHE B 414 -18.38 0.65 -2.74
C PHE B 414 -17.80 1.76 -3.59
N GLN B 415 -16.48 1.74 -3.76
CA GLN B 415 -15.80 2.73 -4.57
C GLN B 415 -16.25 2.60 -6.03
N CYS B 416 -16.31 1.37 -6.52
CA CYS B 416 -16.74 1.13 -7.91
C CYS B 416 -18.18 1.61 -8.11
N GLU B 417 -19.05 1.29 -7.15
CA GLU B 417 -20.45 1.68 -7.23
C GLU B 417 -20.57 3.20 -7.29
N LEU B 418 -19.71 3.91 -6.55
CA LEU B 418 -19.73 5.36 -6.56
C LEU B 418 -19.25 5.88 -7.91
N GLU B 419 -18.33 5.16 -8.52
CA GLU B 419 -17.81 5.55 -9.83
C GLU B 419 -18.85 5.27 -10.91
N GLU B 420 -19.41 4.07 -10.89
CA GLU B 420 -20.40 3.66 -11.88
C GLU B 420 -21.70 4.47 -11.76
N GLN B 421 -21.77 5.30 -10.74
CA GLN B 421 -22.92 6.17 -10.50
C GLN B 421 -22.56 7.58 -10.92
N ARG B 422 -21.29 7.94 -10.73
CA ARG B 422 -20.77 9.26 -11.10
C ARG B 422 -21.06 9.47 -12.58
N GLU B 423 -21.10 8.37 -13.31
CA GLU B 423 -21.36 8.37 -14.75
C GLU B 423 -22.86 8.48 -15.01
N ARG B 424 -23.64 7.77 -14.19
CA ARG B 424 -25.09 7.76 -14.29
C ARG B 424 -25.66 9.16 -14.09
N ALA B 425 -25.21 9.81 -13.01
CA ALA B 425 -25.67 11.15 -12.68
C ALA B 425 -25.12 12.17 -13.69
N ARG B 426 -24.22 11.71 -14.54
CA ARG B 426 -23.62 12.58 -15.55
C ARG B 426 -23.83 12.04 -16.96
N LYS B 427 -24.86 11.21 -17.13
CA LYS B 427 -25.18 10.62 -18.42
C LYS B 427 -26.65 10.20 -18.47
N HIS B 428 -27.10 9.55 -17.40
CA HIS B 428 -28.48 9.09 -17.28
C HIS B 428 -29.40 10.25 -16.88
N PRO B 438 -21.12 22.72 -4.28
CA PRO B 438 -19.87 23.22 -3.71
C PRO B 438 -19.02 22.09 -3.10
N VAL B 439 -19.08 20.91 -3.70
CA VAL B 439 -18.32 19.77 -3.22
C VAL B 439 -17.74 18.96 -4.36
N TYR B 440 -16.46 19.15 -4.63
CA TYR B 440 -15.79 18.43 -5.70
C TYR B 440 -15.00 17.26 -5.14
N SER B 441 -14.78 16.24 -5.97
CA SER B 441 -14.04 15.06 -5.54
C SER B 441 -13.23 14.39 -6.63
N HIS B 442 -11.95 14.14 -6.36
CA HIS B 442 -11.12 13.46 -7.33
C HIS B 442 -11.70 12.07 -7.48
N LEU B 443 -11.69 11.53 -8.69
CA LEU B 443 -12.20 10.19 -8.90
C LEU B 443 -11.23 9.30 -8.15
N LYS B 444 -11.69 8.11 -7.74
CA LYS B 444 -10.83 7.19 -6.99
C LYS B 444 -10.77 7.63 -5.53
N GLU B 445 -11.32 8.81 -5.26
CA GLU B 445 -11.38 9.34 -3.90
C GLU B 445 -12.83 9.45 -3.44
N LEU B 446 -13.75 9.21 -4.37
CA LEU B 446 -15.17 9.26 -4.09
C LEU B 446 -15.52 8.44 -2.84
N GLY B 447 -14.89 7.28 -2.72
CA GLY B 447 -15.15 6.43 -1.57
C GLY B 447 -14.67 7.05 -0.26
N LYS B 448 -13.42 7.48 -0.24
CA LYS B 448 -12.86 8.09 0.95
C LYS B 448 -13.62 9.37 1.29
N THR B 449 -13.97 10.14 0.27
CA THR B 449 -14.68 11.40 0.43
C THR B 449 -16.11 11.23 0.93
N SER B 450 -16.81 10.23 0.38
CA SER B 450 -18.20 9.96 0.73
C SER B 450 -18.42 9.81 2.24
N ALA B 451 -17.36 9.50 2.97
CA ALA B 451 -17.46 9.32 4.40
C ALA B 451 -17.52 10.66 5.14
N PHE B 452 -17.48 11.76 4.39
CA PHE B 452 -17.52 13.10 5.00
C PHE B 452 -18.57 13.99 4.33
N VAL B 453 -19.35 13.45 3.38
CA VAL B 453 -20.39 14.20 2.70
C VAL B 453 -21.66 13.38 2.46
N GLY B 454 -22.75 14.06 2.13
CA GLY B 454 -23.99 13.36 1.88
C GLY B 454 -24.01 12.78 0.48
N ALA B 455 -24.83 11.76 0.26
CA ALA B 455 -24.95 11.13 -1.05
C ALA B 455 -25.31 12.20 -2.07
N ALA B 456 -26.29 13.03 -1.72
CA ALA B 456 -26.75 14.10 -2.59
C ALA B 456 -25.61 15.07 -2.92
N ALA B 457 -24.67 15.22 -2.01
CA ALA B 457 -23.53 16.12 -2.20
C ALA B 457 -22.55 15.58 -3.24
N LEU B 458 -22.59 14.27 -3.43
CA LEU B 458 -21.71 13.60 -4.39
C LEU B 458 -22.33 13.55 -5.78
N ALA C . 21.82 -25.59 -23.83
CA ALA C . 20.75 -26.59 -23.55
C ALA C . 19.41 -25.92 -23.26
O ALA C . 19.34 -24.67 -23.27
CB ALA C . 21.16 -27.48 -22.38
OXT ALA C . 18.43 -26.66 -23.01
N ALA D . -3.24 21.95 23.21
CA ALA D . -2.82 21.06 24.33
C ALA D . -3.75 19.86 24.47
O ALA D . -4.71 19.76 23.69
CB ALA D . -2.79 21.86 25.64
OXT ALA D . -3.51 19.03 25.37
#